data_2NWB
#
_entry.id   2NWB
#
_cell.length_a   138.851
_cell.length_b   68.698
_cell.length_c   87.790
_cell.angle_alpha   90.00
_cell.angle_beta   90.00
_cell.angle_gamma   90.00
#
_symmetry.space_group_name_H-M   'P 21 21 2'
#
loop_
_entity.id
_entity.type
_entity.pdbx_description
1 polymer 'Conserved domain protein'
2 non-polymer 'PROTOPORPHYRIN IX CONTAINING FE'
3 water water
#
_entity_poly.entity_id   1
_entity_poly.type   'polypeptide(L)'
_entity_poly.pdbx_seq_one_letter_code
;MKPATYNTEAFDEWIRSRFVELNSQLEQLYYQQTDRANVQEVGTELKHTLESEGRELVKALLDEGNTDEGFDSAFDLLGN
VGLYMAACRRHEITEPTRETTSPLLEASALAMHIGASIGVTPRFATAHLTTHNRAHNGIYKRFTDLPDEKLFVDYNTKGI
LAYKRASDALLKIQPLGISHPISHDLLRVTKQALQDVIESNQQLFNRLDTDRFFYCVRPYYKPYRVGSVVYRGANAGDFA
GINVIDLTLGLCFANEASYSQMLVDKFLYMMPEDQQILRECMRRPNLMDDFLQAKGCIHQDWYQENLKLFIEVCELHGQT
AIQHHNELVTKYIAEPSVSMEQQHLAKVTASGPPLHVLLASLERLRDRRAAVLRDDIRTRYYDLKKLKDSLRLEHHHHHH
;
_entity_poly.pdbx_strand_id   A,B
#
# COMPACT_ATOMS: atom_id res chain seq x y z
N THR A 5 26.94 -0.77 -17.32
CA THR A 5 25.91 -1.84 -17.25
C THR A 5 25.81 -2.55 -18.59
N TYR A 6 26.92 -2.60 -19.32
CA TYR A 6 26.97 -3.26 -20.62
C TYR A 6 26.69 -4.76 -20.47
N ASN A 7 27.46 -5.43 -19.63
CA ASN A 7 27.29 -6.85 -19.39
C ASN A 7 25.90 -7.17 -18.86
N THR A 8 25.36 -6.27 -18.04
CA THR A 8 24.04 -6.47 -17.48
C THR A 8 22.98 -6.32 -18.58
N GLU A 9 23.21 -5.37 -19.47
CA GLU A 9 22.27 -5.11 -20.57
C GLU A 9 22.29 -6.29 -21.54
N ALA A 10 23.50 -6.73 -21.86
CA ALA A 10 23.70 -7.84 -22.78
C ALA A 10 22.95 -9.10 -22.36
N PHE A 11 22.94 -9.38 -21.07
CA PHE A 11 22.27 -10.56 -20.55
C PHE A 11 20.76 -10.39 -20.58
N ASP A 12 20.29 -9.19 -20.27
CA ASP A 12 18.86 -8.90 -20.25
C ASP A 12 18.29 -8.98 -21.66
N GLU A 13 19.01 -8.39 -22.61
CA GLU A 13 18.57 -8.40 -23.99
C GLU A 13 18.54 -9.83 -24.51
N TRP A 14 19.44 -10.67 -24.00
CA TRP A 14 19.46 -12.06 -24.41
C TRP A 14 18.20 -12.76 -23.86
N ILE A 15 17.90 -12.52 -22.58
CA ILE A 15 16.73 -13.09 -21.93
C ILE A 15 15.44 -12.71 -22.65
N ARG A 16 15.41 -11.50 -23.20
CA ARG A 16 14.22 -11.01 -23.89
C ARG A 16 14.16 -11.37 -25.38
N SER A 17 15.18 -12.08 -25.88
CA SER A 17 15.22 -12.48 -27.29
C SER A 17 15.45 -13.96 -27.53
N ARG A 18 16.71 -14.35 -27.74
CA ARG A 18 17.08 -15.74 -27.99
C ARG A 18 16.61 -16.72 -26.93
N PHE A 19 16.66 -16.30 -25.67
CA PHE A 19 16.22 -17.13 -24.55
C PHE A 19 14.79 -17.60 -24.82
N VAL A 20 13.91 -16.66 -25.18
CA VAL A 20 12.52 -17.00 -25.47
C VAL A 20 12.41 -17.92 -26.68
N GLU A 21 13.19 -17.65 -27.73
CA GLU A 21 13.18 -18.48 -28.94
C GLU A 21 13.57 -19.92 -28.64
N LEU A 22 14.73 -20.09 -28.01
CA LEU A 22 15.23 -21.41 -27.66
C LEU A 22 14.20 -22.21 -26.85
N ASN A 23 13.66 -21.64 -25.78
CA ASN A 23 12.67 -22.34 -24.95
C ASN A 23 11.40 -22.66 -25.75
N SER A 24 10.92 -21.69 -26.52
CA SER A 24 9.73 -21.87 -27.33
C SER A 24 9.92 -23.04 -28.30
N GLN A 25 10.95 -22.94 -29.12
CA GLN A 25 11.29 -23.96 -30.09
C GLN A 25 11.40 -25.32 -29.40
N LEU A 26 11.96 -25.33 -28.19
CA LEU A 26 12.11 -26.57 -27.43
C LEU A 26 10.76 -27.10 -26.97
N GLU A 27 9.86 -26.20 -26.58
CA GLU A 27 8.53 -26.62 -26.13
C GLU A 27 7.76 -27.25 -27.30
N GLN A 28 8.07 -26.82 -28.51
CA GLN A 28 7.39 -27.35 -29.68
C GLN A 28 7.70 -28.82 -29.84
N LEU A 29 8.97 -29.16 -29.67
CA LEU A 29 9.40 -30.55 -29.76
C LEU A 29 8.73 -31.40 -28.69
N TYR A 30 8.77 -30.93 -27.44
CA TYR A 30 8.17 -31.72 -26.35
C TYR A 30 6.70 -32.00 -26.56
N TYR A 31 5.97 -31.03 -27.10
CA TYR A 31 4.53 -31.19 -27.32
C TYR A 31 4.20 -32.23 -28.40
N GLN A 32 5.02 -32.29 -29.45
CA GLN A 32 4.82 -33.25 -30.53
C GLN A 32 4.94 -34.68 -30.05
N GLN A 33 5.76 -34.91 -29.04
CA GLN A 33 5.95 -36.27 -28.52
C GLN A 33 4.64 -36.88 -28.10
N THR A 34 4.70 -38.16 -27.77
CA THR A 34 3.51 -38.89 -27.33
C THR A 34 3.45 -38.80 -25.82
N ASP A 35 4.64 -38.76 -25.20
CA ASP A 35 4.74 -38.64 -23.75
C ASP A 35 4.48 -37.17 -23.43
N ARG A 36 5.15 -36.29 -24.19
CA ARG A 36 5.00 -34.86 -24.05
C ARG A 36 5.66 -34.30 -22.79
N ALA A 37 5.81 -35.15 -21.78
CA ALA A 37 6.45 -34.73 -20.54
C ALA A 37 7.91 -35.16 -20.57
N ASN A 38 8.29 -35.88 -21.62
CA ASN A 38 9.65 -36.35 -21.74
C ASN A 38 10.59 -35.30 -22.30
N VAL A 39 11.82 -35.29 -21.81
CA VAL A 39 12.81 -34.32 -22.25
C VAL A 39 14.13 -35.00 -22.68
N GLN A 40 14.27 -36.28 -22.36
CA GLN A 40 15.46 -37.05 -22.72
C GLN A 40 15.57 -37.22 -24.24
N GLU A 41 16.80 -37.15 -24.75
CA GLU A 41 17.07 -37.29 -26.19
C GLU A 41 16.19 -36.43 -27.07
N VAL A 42 16.14 -35.13 -26.80
CA VAL A 42 15.34 -34.20 -27.60
C VAL A 42 15.86 -32.77 -27.43
N GLY A 43 15.90 -32.04 -28.54
CA GLY A 43 16.37 -30.67 -28.50
C GLY A 43 17.77 -30.54 -27.92
N THR A 44 18.56 -31.60 -28.04
CA THR A 44 19.92 -31.60 -27.51
C THR A 44 20.73 -30.40 -28.02
N GLU A 45 20.48 -29.99 -29.26
CA GLU A 45 21.19 -28.86 -29.83
C GLU A 45 20.77 -27.54 -29.19
N LEU A 46 19.46 -27.38 -29.07
CA LEU A 46 18.88 -26.18 -28.47
C LEU A 46 19.30 -26.05 -27.00
N LYS A 47 19.39 -27.18 -26.29
CA LYS A 47 19.79 -27.16 -24.90
C LYS A 47 21.23 -26.66 -24.72
N HIS A 48 22.12 -27.16 -25.57
CA HIS A 48 23.52 -26.75 -25.52
C HIS A 48 23.66 -25.24 -25.75
N THR A 49 22.88 -24.70 -26.68
CA THR A 49 22.92 -23.27 -27.02
C THR A 49 22.41 -22.41 -25.86
N LEU A 50 21.28 -22.82 -25.29
CA LEU A 50 20.70 -22.09 -24.17
C LEU A 50 21.69 -22.08 -23.01
N GLU A 51 22.21 -23.25 -22.66
CA GLU A 51 23.17 -23.39 -21.57
C GLU A 51 24.44 -22.60 -21.87
N SER A 52 24.98 -22.79 -23.07
CA SER A 52 26.22 -22.14 -23.48
C SER A 52 26.14 -20.61 -23.53
N GLU A 53 25.21 -20.07 -24.31
CA GLU A 53 25.08 -18.63 -24.44
C GLU A 53 24.79 -17.96 -23.09
N GLY A 54 23.89 -18.54 -22.30
CA GLY A 54 23.59 -17.97 -21.01
C GLY A 54 24.80 -17.94 -20.09
N ARG A 55 25.50 -19.07 -19.97
CA ARG A 55 26.68 -19.14 -19.11
C ARG A 55 27.71 -18.07 -19.43
N GLU A 56 28.06 -17.92 -20.71
CA GLU A 56 29.04 -16.91 -21.09
C GLU A 56 28.65 -15.50 -20.64
N LEU A 57 27.39 -15.14 -20.84
CA LEU A 57 26.87 -13.84 -20.45
C LEU A 57 26.91 -13.68 -18.93
N VAL A 58 26.62 -14.76 -18.22
CA VAL A 58 26.63 -14.75 -16.77
C VAL A 58 28.07 -14.61 -16.29
N LYS A 59 28.97 -15.36 -16.92
CA LYS A 59 30.39 -15.34 -16.55
C LYS A 59 30.99 -13.95 -16.63
N ALA A 60 30.51 -13.16 -17.59
CA ALA A 60 30.95 -11.79 -17.79
C ALA A 60 30.51 -10.94 -16.62
N LEU A 61 29.33 -11.26 -16.09
CA LEU A 61 28.76 -10.53 -14.97
C LEU A 61 29.47 -10.89 -13.67
N LEU A 62 29.75 -12.18 -13.49
CA LEU A 62 30.43 -12.66 -12.30
C LEU A 62 31.82 -12.04 -12.14
N ASP A 63 32.40 -11.61 -13.25
CA ASP A 63 33.73 -11.01 -13.24
C ASP A 63 33.71 -9.61 -12.60
N GLU A 64 32.69 -8.82 -12.92
CA GLU A 64 32.57 -7.48 -12.37
C GLU A 64 32.60 -7.48 -10.85
N GLY A 65 32.28 -8.62 -10.24
CA GLY A 65 32.28 -8.72 -8.79
C GLY A 65 31.23 -7.85 -8.10
N ASN A 66 31.57 -7.33 -6.92
CA ASN A 66 30.66 -6.48 -6.16
C ASN A 66 30.23 -5.22 -6.91
N THR A 67 28.92 -4.99 -6.93
CA THR A 67 28.36 -3.82 -7.57
C THR A 67 27.21 -3.35 -6.70
N ASP A 68 26.98 -2.05 -6.64
CA ASP A 68 25.90 -1.53 -5.82
C ASP A 68 25.10 -0.53 -6.63
N GLU A 69 24.29 -1.04 -7.55
CA GLU A 69 23.47 -0.21 -8.41
C GLU A 69 22.09 0.02 -7.83
N GLY A 70 21.88 -0.44 -6.61
CA GLY A 70 20.58 -0.26 -5.98
C GLY A 70 19.79 -1.54 -6.01
N PHE A 71 18.84 -1.67 -5.08
CA PHE A 71 18.03 -2.86 -4.97
C PHE A 71 17.31 -3.31 -6.24
N ASP A 72 16.69 -2.36 -6.94
CA ASP A 72 15.95 -2.69 -8.15
C ASP A 72 16.80 -3.26 -9.25
N SER A 73 17.99 -2.69 -9.41
CA SER A 73 18.89 -3.15 -10.44
C SER A 73 19.38 -4.55 -10.10
N ALA A 74 19.82 -4.74 -8.84
CA ALA A 74 20.32 -6.05 -8.42
C ALA A 74 19.24 -7.12 -8.51
N PHE A 75 18.04 -6.80 -8.02
CA PHE A 75 16.95 -7.75 -8.04
C PHE A 75 16.60 -8.17 -9.47
N ASP A 76 16.62 -7.21 -10.39
CA ASP A 76 16.34 -7.46 -11.79
C ASP A 76 17.37 -8.43 -12.38
N LEU A 77 18.64 -8.19 -12.08
CA LEU A 77 19.70 -9.04 -12.56
C LEU A 77 19.53 -10.44 -12.00
N LEU A 78 19.29 -10.55 -10.69
CA LEU A 78 19.10 -11.84 -10.07
C LEU A 78 17.96 -12.58 -10.76
N GLY A 79 16.95 -11.83 -11.17
CA GLY A 79 15.83 -12.44 -11.87
C GLY A 79 16.27 -13.09 -13.18
N ASN A 80 17.09 -12.40 -13.95
CA ASN A 80 17.53 -13.00 -15.21
C ASN A 80 18.33 -14.27 -14.92
N VAL A 81 19.23 -14.19 -13.95
CA VAL A 81 20.02 -15.37 -13.58
C VAL A 81 19.08 -16.51 -13.16
N GLY A 82 18.02 -16.19 -12.43
CA GLY A 82 17.09 -17.20 -11.97
C GLY A 82 16.24 -17.75 -13.10
N LEU A 83 15.91 -16.88 -14.04
CA LEU A 83 15.13 -17.29 -15.19
C LEU A 83 15.98 -18.26 -15.98
N TYR A 84 17.25 -17.91 -16.14
CA TYR A 84 18.18 -18.77 -16.86
C TYR A 84 18.30 -20.12 -16.15
N MET A 85 18.59 -20.11 -14.86
CA MET A 85 18.72 -21.38 -14.15
C MET A 85 17.44 -22.21 -14.17
N ALA A 86 16.30 -21.54 -14.05
CA ALA A 86 15.01 -22.23 -14.06
C ALA A 86 14.80 -22.96 -15.40
N ALA A 87 15.19 -22.31 -16.49
CA ALA A 87 15.04 -22.93 -17.81
C ALA A 87 15.91 -24.19 -17.84
N CYS A 88 17.19 -24.05 -17.49
CA CYS A 88 18.09 -25.18 -17.46
C CYS A 88 17.49 -26.32 -16.64
N ARG A 89 16.73 -25.98 -15.60
CA ARG A 89 16.12 -27.02 -14.78
C ARG A 89 14.99 -27.70 -15.55
N ARG A 90 14.18 -26.89 -16.22
CA ARG A 90 13.05 -27.41 -16.98
C ARG A 90 13.52 -28.40 -18.05
N HIS A 91 14.56 -28.03 -18.77
CA HIS A 91 15.10 -28.87 -19.83
C HIS A 91 16.01 -29.99 -19.35
N GLU A 92 16.02 -30.25 -18.05
CA GLU A 92 16.84 -31.30 -17.46
C GLU A 92 18.36 -31.04 -17.56
N ILE A 93 18.75 -29.83 -17.94
CA ILE A 93 20.18 -29.49 -18.03
C ILE A 93 20.76 -29.56 -16.62
N THR A 94 19.89 -29.45 -15.62
CA THR A 94 20.28 -29.53 -14.22
C THR A 94 19.11 -30.17 -13.49
N GLU A 95 19.40 -31.10 -12.59
CA GLU A 95 18.36 -31.80 -11.86
C GLU A 95 18.85 -32.07 -10.45
N PRO A 96 18.12 -31.58 -9.44
CA PRO A 96 18.44 -31.73 -8.01
C PRO A 96 18.73 -33.13 -7.47
N THR A 97 17.79 -34.05 -7.65
CA THR A 97 17.95 -35.42 -7.15
C THR A 97 19.01 -36.19 -7.91
N ARG A 98 19.62 -35.55 -8.89
CA ARG A 98 20.65 -36.17 -9.71
C ARG A 98 22.03 -35.65 -9.33
N GLU A 99 22.04 -34.49 -8.68
CA GLU A 99 23.28 -33.84 -8.31
C GLU A 99 23.52 -33.81 -6.81
N THR A 100 24.72 -33.37 -6.44
CA THR A 100 25.06 -33.23 -5.05
C THR A 100 25.18 -31.71 -4.89
N THR A 101 25.60 -31.07 -5.98
CA THR A 101 25.76 -29.63 -6.06
C THR A 101 25.41 -29.22 -7.48
N SER A 102 25.11 -27.95 -7.69
CA SER A 102 24.75 -27.45 -9.01
C SER A 102 25.89 -27.52 -10.03
N PRO A 103 25.57 -27.91 -11.26
CA PRO A 103 26.57 -28.01 -12.32
C PRO A 103 26.81 -26.63 -12.97
N LEU A 104 25.91 -25.69 -12.70
CA LEU A 104 26.01 -24.33 -13.23
C LEU A 104 26.78 -23.49 -12.21
N LEU A 105 28.10 -23.60 -12.23
CA LEU A 105 28.97 -22.92 -11.29
C LEU A 105 28.89 -21.39 -11.26
N GLU A 106 29.07 -20.76 -12.43
CA GLU A 106 29.02 -19.30 -12.52
C GLU A 106 27.67 -18.75 -12.08
N ALA A 107 26.59 -19.26 -12.68
CA ALA A 107 25.25 -18.79 -12.34
C ALA A 107 24.95 -18.94 -10.84
N SER A 108 25.37 -20.06 -10.24
CA SER A 108 25.13 -20.28 -8.82
C SER A 108 25.82 -19.23 -7.98
N ALA A 109 27.11 -19.02 -8.21
CA ALA A 109 27.86 -18.03 -7.46
C ALA A 109 27.19 -16.66 -7.58
N LEU A 110 26.88 -16.25 -8.81
CA LEU A 110 26.27 -14.94 -9.04
C LEU A 110 24.93 -14.81 -8.32
N ALA A 111 24.08 -15.83 -8.47
CA ALA A 111 22.78 -15.82 -7.83
C ALA A 111 22.86 -15.75 -6.31
N MET A 112 23.74 -16.56 -5.74
CA MET A 112 23.90 -16.58 -4.29
C MET A 112 24.50 -15.30 -3.77
N HIS A 113 25.32 -14.66 -4.58
CA HIS A 113 25.97 -13.40 -4.24
C HIS A 113 24.91 -12.29 -4.18
N ILE A 114 24.15 -12.10 -5.26
CA ILE A 114 23.12 -11.07 -5.30
C ILE A 114 22.06 -11.29 -4.22
N GLY A 115 21.48 -12.49 -4.22
CA GLY A 115 20.43 -12.80 -3.25
C GLY A 115 20.78 -12.50 -1.82
N ALA A 116 21.96 -12.94 -1.38
CA ALA A 116 22.38 -12.72 -0.01
C ALA A 116 22.69 -11.25 0.23
N SER A 117 23.11 -10.56 -0.83
CA SER A 117 23.46 -9.15 -0.74
C SER A 117 22.25 -8.25 -0.60
N ILE A 118 21.09 -8.71 -1.06
CA ILE A 118 19.89 -7.89 -0.94
C ILE A 118 18.78 -8.53 -0.10
N GLY A 119 19.07 -9.69 0.49
CA GLY A 119 18.10 -10.36 1.32
C GLY A 119 16.93 -11.06 0.62
N VAL A 120 17.22 -11.80 -0.46
CA VAL A 120 16.21 -12.56 -1.17
C VAL A 120 16.74 -13.93 -1.54
N THR A 121 15.85 -14.84 -1.89
CA THR A 121 16.24 -16.18 -2.28
C THR A 121 17.08 -16.05 -3.56
N PRO A 122 18.15 -16.87 -3.69
CA PRO A 122 19.07 -16.87 -4.83
C PRO A 122 18.51 -17.49 -6.11
N ARG A 123 17.23 -17.29 -6.35
CA ARG A 123 16.59 -17.83 -7.54
C ARG A 123 15.45 -16.97 -8.02
N PHE A 124 14.82 -17.43 -9.09
CA PHE A 124 13.69 -16.76 -9.70
C PHE A 124 12.50 -16.76 -8.71
N ALA A 125 11.96 -15.58 -8.44
CA ALA A 125 10.84 -15.43 -7.50
C ALA A 125 9.61 -14.89 -8.23
N THR A 126 8.43 -15.09 -7.67
CA THR A 126 7.21 -14.66 -8.33
C THR A 126 7.22 -13.23 -8.83
N ALA A 127 7.74 -12.32 -8.00
CA ALA A 127 7.78 -10.92 -8.38
C ALA A 127 8.60 -10.70 -9.65
N HIS A 128 9.59 -11.53 -9.89
CA HIS A 128 10.41 -11.37 -11.09
C HIS A 128 9.61 -11.41 -12.38
N LEU A 129 8.51 -12.16 -12.39
CA LEU A 129 7.69 -12.25 -13.58
C LEU A 129 6.38 -11.50 -13.46
N THR A 130 5.96 -11.21 -12.24
CA THR A 130 4.69 -10.52 -12.05
C THR A 130 4.73 -9.03 -11.74
N THR A 131 4.75 -8.67 -10.46
CA THR A 131 4.72 -7.27 -10.08
C THR A 131 5.98 -6.48 -10.40
N HIS A 132 7.11 -7.16 -10.56
CA HIS A 132 8.35 -6.48 -10.88
C HIS A 132 8.98 -6.89 -12.20
N ASN A 133 8.13 -7.26 -13.16
CA ASN A 133 8.56 -7.68 -14.50
C ASN A 133 8.44 -6.48 -15.44
N ARG A 134 9.55 -5.76 -15.66
CA ARG A 134 9.50 -4.59 -16.53
C ARG A 134 9.28 -4.91 -18.01
N ALA A 135 8.33 -4.22 -18.61
CA ALA A 135 8.01 -4.42 -20.02
C ALA A 135 8.76 -3.43 -20.89
N HIS A 136 9.22 -3.91 -22.04
CA HIS A 136 9.92 -3.06 -23.00
C HIS A 136 9.05 -3.00 -24.25
N ASN A 137 8.55 -1.81 -24.55
CA ASN A 137 7.70 -1.63 -25.70
C ASN A 137 6.56 -2.67 -25.70
N GLY A 138 5.95 -2.89 -24.54
CA GLY A 138 4.85 -3.84 -24.46
C GLY A 138 5.15 -5.29 -24.09
N ILE A 139 6.39 -5.72 -24.27
CA ILE A 139 6.76 -7.09 -23.96
C ILE A 139 7.59 -7.16 -22.68
N TYR A 140 7.23 -8.09 -21.79
CA TYR A 140 7.95 -8.27 -20.53
C TYR A 140 8.55 -9.68 -20.48
N LYS A 141 9.52 -9.89 -19.60
CA LYS A 141 10.20 -11.18 -19.46
C LYS A 141 9.24 -12.37 -19.47
N ARG A 142 9.68 -13.45 -20.10
CA ARG A 142 8.88 -14.67 -20.20
C ARG A 142 9.82 -15.79 -20.59
N PHE A 143 9.40 -17.03 -20.33
CA PHE A 143 10.21 -18.19 -20.68
C PHE A 143 9.98 -18.53 -22.15
N THR A 144 8.73 -18.41 -22.59
CA THR A 144 8.35 -18.74 -23.95
C THR A 144 7.41 -17.68 -24.51
N ASP A 145 6.97 -17.87 -25.75
CA ASP A 145 6.06 -16.91 -26.35
C ASP A 145 4.66 -17.47 -26.37
N LEU A 146 4.48 -18.60 -25.69
CA LEU A 146 3.16 -19.25 -25.64
C LEU A 146 2.08 -18.39 -24.99
N PRO A 147 0.87 -18.40 -25.57
CA PRO A 147 -0.26 -17.61 -25.07
C PRO A 147 -0.69 -18.03 -23.66
N ASP A 148 -0.56 -19.32 -23.37
CA ASP A 148 -0.96 -19.82 -22.07
C ASP A 148 -0.06 -19.37 -20.92
N GLU A 149 1.20 -19.05 -21.22
CA GLU A 149 2.11 -18.56 -20.20
C GLU A 149 1.67 -17.15 -19.84
N LYS A 150 1.45 -16.35 -20.88
CA LYS A 150 1.00 -14.97 -20.70
C LYS A 150 -0.30 -14.91 -19.89
N LEU A 151 -1.20 -15.86 -20.10
CA LEU A 151 -2.45 -15.88 -19.35
C LEU A 151 -2.17 -16.15 -17.89
N PHE A 152 -1.33 -17.14 -17.64
CA PHE A 152 -0.96 -17.53 -16.28
C PHE A 152 -0.31 -16.36 -15.53
N VAL A 153 0.72 -15.78 -16.13
CA VAL A 153 1.43 -14.67 -15.51
C VAL A 153 0.54 -13.44 -15.29
N ASP A 154 -0.16 -12.99 -16.33
CA ASP A 154 -1.02 -11.83 -16.22
C ASP A 154 -2.09 -11.95 -15.14
N TYR A 155 -2.74 -13.11 -15.06
CA TYR A 155 -3.77 -13.29 -14.05
C TYR A 155 -3.17 -13.50 -12.67
N ASN A 156 -1.92 -13.95 -12.59
CA ASN A 156 -1.30 -14.09 -11.28
C ASN A 156 -1.03 -12.66 -10.82
N THR A 157 -0.56 -11.83 -11.75
CA THR A 157 -0.27 -10.43 -11.46
C THR A 157 -1.55 -9.74 -11.01
N LYS A 158 -2.63 -9.92 -11.77
CA LYS A 158 -3.91 -9.29 -11.42
C LYS A 158 -4.38 -9.78 -10.06
N GLY A 159 -4.25 -11.07 -9.82
CA GLY A 159 -4.65 -11.63 -8.55
C GLY A 159 -3.86 -11.06 -7.41
N ILE A 160 -2.55 -11.06 -7.57
CA ILE A 160 -1.64 -10.54 -6.55
C ILE A 160 -1.95 -9.09 -6.22
N LEU A 161 -2.06 -8.26 -7.26
CA LEU A 161 -2.35 -6.85 -7.04
C LEU A 161 -3.69 -6.64 -6.36
N ALA A 162 -4.65 -7.51 -6.62
CA ALA A 162 -5.95 -7.37 -5.99
C ALA A 162 -5.84 -7.69 -4.51
N TYR A 163 -5.01 -8.68 -4.17
CA TYR A 163 -4.83 -9.03 -2.76
C TYR A 163 -4.09 -7.93 -2.00
N LYS A 164 -3.18 -7.22 -2.68
CA LYS A 164 -2.44 -6.14 -2.05
C LYS A 164 -3.41 -5.02 -1.69
N ARG A 165 -4.38 -4.80 -2.57
CA ARG A 165 -5.38 -3.77 -2.31
C ARG A 165 -6.19 -4.17 -1.08
N ALA A 166 -6.47 -5.46 -0.93
CA ALA A 166 -7.23 -5.92 0.22
C ALA A 166 -6.42 -5.87 1.52
N SER A 167 -5.14 -6.21 1.46
CA SER A 167 -4.34 -6.18 2.69
C SER A 167 -4.06 -4.74 3.12
N ASP A 168 -3.87 -3.84 2.17
CA ASP A 168 -3.61 -2.45 2.52
C ASP A 168 -4.82 -1.83 3.22
N ALA A 169 -6.04 -2.15 2.74
CA ALA A 169 -7.23 -1.57 3.37
C ALA A 169 -7.37 -2.09 4.81
N LEU A 170 -7.15 -3.39 5.00
CA LEU A 170 -7.23 -4.00 6.30
C LEU A 170 -6.23 -3.43 7.30
N LEU A 171 -5.01 -3.14 6.84
CA LEU A 171 -4.00 -2.61 7.73
C LEU A 171 -4.33 -1.18 8.17
N LYS A 172 -5.10 -0.45 7.36
CA LYS A 172 -5.44 0.91 7.74
C LYS A 172 -6.54 0.97 8.79
N ILE A 173 -7.14 -0.17 9.10
CA ILE A 173 -8.19 -0.21 10.11
C ILE A 173 -7.55 -0.24 11.50
N GLN A 174 -6.40 -0.91 11.59
CA GLN A 174 -5.67 -1.07 12.84
C GLN A 174 -5.59 0.20 13.67
N PRO A 175 -5.10 1.31 13.09
CA PRO A 175 -5.02 2.55 13.86
C PRO A 175 -6.38 3.21 14.17
N LEU A 176 -7.40 2.88 13.40
CA LEU A 176 -8.73 3.46 13.61
C LEU A 176 -9.61 2.63 14.56
N GLY A 177 -9.44 1.31 14.55
CA GLY A 177 -10.24 0.45 15.40
C GLY A 177 -11.46 -0.06 14.66
N ILE A 178 -12.01 -1.17 15.11
CA ILE A 178 -13.19 -1.76 14.45
C ILE A 178 -14.47 -0.97 14.62
N SER A 179 -14.53 -0.06 15.59
CA SER A 179 -15.75 0.72 15.82
C SER A 179 -15.74 2.04 15.08
N HIS A 180 -14.62 2.35 14.41
CA HIS A 180 -14.51 3.61 13.69
C HIS A 180 -15.39 3.61 12.45
N PRO A 181 -16.10 4.72 12.21
CA PRO A 181 -16.97 4.76 11.02
C PRO A 181 -16.18 4.62 9.74
N ILE A 182 -15.00 5.21 9.67
CA ILE A 182 -14.19 5.11 8.47
C ILE A 182 -13.77 3.65 8.21
N SER A 183 -13.73 2.83 9.27
CA SER A 183 -13.35 1.42 9.13
C SER A 183 -14.39 0.66 8.33
N HIS A 184 -15.56 1.26 8.19
CA HIS A 184 -16.64 0.63 7.46
C HIS A 184 -16.34 0.76 5.97
N ASP A 185 -15.71 1.87 5.59
CA ASP A 185 -15.36 2.09 4.19
C ASP A 185 -14.17 1.21 3.81
N LEU A 186 -13.18 1.09 4.70
CA LEU A 186 -12.01 0.28 4.44
C LEU A 186 -12.44 -1.16 4.30
N LEU A 187 -13.39 -1.55 5.13
CA LEU A 187 -13.95 -2.90 5.12
C LEU A 187 -14.65 -3.17 3.79
N ARG A 188 -15.24 -2.14 3.21
CA ARG A 188 -15.92 -2.28 1.93
C ARG A 188 -14.88 -2.28 0.82
N VAL A 189 -13.80 -1.52 1.00
CA VAL A 189 -12.74 -1.49 0.00
C VAL A 189 -12.12 -2.88 -0.04
N THR A 190 -11.98 -3.47 1.14
CA THR A 190 -11.42 -4.80 1.27
C THR A 190 -12.31 -5.82 0.56
N LYS A 191 -13.62 -5.70 0.78
CA LYS A 191 -14.59 -6.59 0.17
C LYS A 191 -14.50 -6.53 -1.35
N GLN A 192 -14.44 -5.32 -1.91
CA GLN A 192 -14.35 -5.18 -3.35
C GLN A 192 -13.06 -5.80 -3.93
N ALA A 193 -11.92 -5.55 -3.27
CA ALA A 193 -10.64 -6.09 -3.71
C ALA A 193 -10.65 -7.61 -3.73
N LEU A 194 -11.26 -8.21 -2.71
CA LEU A 194 -11.34 -9.66 -2.66
C LEU A 194 -12.24 -10.17 -3.79
N GLN A 195 -13.29 -9.41 -4.13
CA GLN A 195 -14.15 -9.83 -5.23
C GLN A 195 -13.35 -9.76 -6.53
N ASP A 196 -12.47 -8.76 -6.66
CA ASP A 196 -11.66 -8.65 -7.87
C ASP A 196 -10.81 -9.89 -8.04
N VAL A 197 -10.46 -10.51 -6.92
CA VAL A 197 -9.66 -11.71 -6.94
C VAL A 197 -10.49 -12.87 -7.46
N ILE A 198 -11.72 -12.99 -6.94
CA ILE A 198 -12.63 -14.05 -7.37
C ILE A 198 -12.81 -13.93 -8.88
N GLU A 199 -13.09 -12.72 -9.35
CA GLU A 199 -13.29 -12.50 -10.77
C GLU A 199 -12.01 -12.79 -11.55
N SER A 200 -10.89 -12.30 -11.04
CA SER A 200 -9.60 -12.52 -11.69
C SER A 200 -9.36 -14.03 -11.87
N ASN A 201 -9.51 -14.79 -10.79
CA ASN A 201 -9.29 -16.23 -10.85
C ASN A 201 -10.26 -16.93 -11.80
N GLN A 202 -11.49 -16.43 -11.87
CA GLN A 202 -12.50 -17.03 -12.74
C GLN A 202 -12.07 -16.87 -14.18
N GLN A 203 -11.66 -15.67 -14.56
CA GLN A 203 -11.21 -15.44 -15.92
C GLN A 203 -10.08 -16.40 -16.28
N LEU A 204 -9.12 -16.57 -15.37
CA LEU A 204 -8.00 -17.49 -15.61
C LEU A 204 -8.52 -18.91 -15.81
N PHE A 205 -9.51 -19.29 -15.02
CA PHE A 205 -10.11 -20.62 -15.07
C PHE A 205 -10.82 -20.85 -16.41
N ASN A 206 -11.41 -19.80 -16.95
CA ASN A 206 -12.15 -19.87 -18.20
C ASN A 206 -11.33 -19.58 -19.45
N ARG A 207 -10.02 -19.43 -19.31
CA ARG A 207 -9.22 -19.11 -20.50
C ARG A 207 -7.94 -19.93 -20.65
N LEU A 208 -7.35 -20.35 -19.54
CA LEU A 208 -6.11 -21.12 -19.55
C LEU A 208 -6.32 -22.55 -20.04
N ASP A 209 -5.45 -22.99 -20.94
CA ASP A 209 -5.52 -24.34 -21.49
C ASP A 209 -4.85 -25.29 -20.52
N THR A 210 -5.66 -26.10 -19.85
CA THR A 210 -5.18 -27.07 -18.89
C THR A 210 -3.94 -27.87 -19.33
N ASP A 211 -3.95 -28.36 -20.56
CA ASP A 211 -2.83 -29.15 -21.07
C ASP A 211 -1.55 -28.36 -21.32
N ARG A 212 -1.66 -27.33 -22.15
CA ARG A 212 -0.53 -26.47 -22.47
C ARG A 212 0.15 -25.97 -21.18
N PHE A 213 -0.65 -25.59 -20.18
CA PHE A 213 -0.12 -25.10 -18.91
C PHE A 213 0.68 -26.13 -18.13
N PHE A 214 0.18 -27.34 -18.05
CA PHE A 214 0.83 -28.42 -17.30
C PHE A 214 2.08 -29.01 -17.97
N TYR A 215 2.17 -28.88 -19.30
CA TYR A 215 3.32 -29.42 -20.04
C TYR A 215 4.25 -28.35 -20.62
N CYS A 216 3.78 -27.11 -20.70
CA CYS A 216 4.59 -26.06 -21.27
C CYS A 216 4.85 -24.85 -20.35
N VAL A 217 4.03 -24.69 -19.31
CA VAL A 217 4.22 -23.57 -18.41
C VAL A 217 4.77 -23.99 -17.05
N ARG A 218 3.98 -24.79 -16.33
CA ARG A 218 4.36 -25.27 -15.00
C ARG A 218 5.76 -25.86 -14.83
N PRO A 219 6.25 -26.63 -15.83
CA PRO A 219 7.59 -27.22 -15.72
C PRO A 219 8.77 -26.25 -15.57
N TYR A 220 8.49 -24.95 -15.61
CA TYR A 220 9.53 -23.94 -15.44
C TYR A 220 9.62 -23.46 -13.99
N TYR A 221 8.67 -23.90 -13.16
CA TYR A 221 8.61 -23.53 -11.76
C TYR A 221 9.08 -24.67 -10.86
N LYS A 222 9.95 -25.51 -11.40
CA LYS A 222 10.46 -26.65 -10.65
C LYS A 222 11.60 -26.27 -9.70
N PRO A 223 11.87 -27.14 -8.71
CA PRO A 223 12.94 -26.89 -7.73
C PRO A 223 14.29 -27.26 -8.34
N TYR A 224 15.33 -26.48 -8.05
CA TYR A 224 16.66 -26.78 -8.55
C TYR A 224 17.73 -26.32 -7.57
N ARG A 225 18.93 -26.87 -7.72
CA ARG A 225 20.02 -26.50 -6.83
C ARG A 225 20.70 -25.19 -7.19
N VAL A 226 21.03 -24.42 -6.16
CA VAL A 226 21.78 -23.17 -6.32
C VAL A 226 22.91 -23.45 -5.36
N GLY A 227 24.10 -23.71 -5.89
CA GLY A 227 25.20 -24.07 -5.04
C GLY A 227 24.83 -25.51 -4.72
N SER A 228 24.90 -25.89 -3.45
CA SER A 228 24.57 -27.25 -3.04
C SER A 228 23.16 -27.35 -2.50
N VAL A 229 22.56 -26.20 -2.18
CA VAL A 229 21.23 -26.18 -1.60
C VAL A 229 20.11 -26.17 -2.65
N VAL A 230 19.06 -26.92 -2.34
CA VAL A 230 17.90 -27.02 -3.21
C VAL A 230 16.88 -25.98 -2.78
N TYR A 231 16.42 -25.19 -3.73
CA TYR A 231 15.46 -24.13 -3.50
C TYR A 231 14.19 -24.40 -4.31
N ARG A 232 13.05 -24.46 -3.63
CA ARG A 232 11.79 -24.73 -4.31
C ARG A 232 11.38 -23.65 -5.31
N GLY A 233 10.40 -23.98 -6.14
CA GLY A 233 9.93 -23.04 -7.15
C GLY A 233 8.98 -21.99 -6.58
N ALA A 234 8.89 -20.87 -7.27
CA ALA A 234 8.02 -19.77 -6.86
C ALA A 234 6.55 -20.17 -6.93
N ASN A 235 5.73 -19.49 -6.13
CA ASN A 235 4.28 -19.73 -6.07
C ASN A 235 3.63 -18.38 -6.23
N ALA A 236 2.47 -18.34 -6.87
CA ALA A 236 1.76 -17.08 -7.04
C ALA A 236 1.39 -16.51 -5.66
N GLY A 237 1.58 -17.31 -4.61
CA GLY A 237 1.27 -16.88 -3.26
C GLY A 237 2.45 -16.36 -2.47
N ASP A 238 3.56 -16.12 -3.17
CA ASP A 238 4.75 -15.60 -2.53
C ASP A 238 4.73 -14.07 -2.44
N PHE A 239 3.96 -13.55 -1.49
CA PHE A 239 3.86 -12.11 -1.22
C PHE A 239 3.13 -11.92 0.11
N ALA A 240 3.41 -10.83 0.80
CA ALA A 240 2.80 -10.55 2.10
C ALA A 240 1.28 -10.49 2.11
N GLY A 241 0.72 -9.74 1.15
CA GLY A 241 -0.72 -9.60 1.06
C GLY A 241 -1.61 -10.70 1.59
N ILE A 242 -1.56 -11.87 0.98
CA ILE A 242 -2.40 -13.00 1.36
C ILE A 242 -2.27 -13.39 2.82
N ASN A 243 -1.04 -13.43 3.32
CA ASN A 243 -0.83 -13.80 4.70
C ASN A 243 -1.16 -12.64 5.63
N VAL A 244 -1.07 -11.41 5.12
CA VAL A 244 -1.41 -10.25 5.93
C VAL A 244 -2.90 -10.28 6.21
N ILE A 245 -3.68 -10.75 5.24
CA ILE A 245 -5.12 -10.86 5.39
C ILE A 245 -5.46 -11.96 6.40
N ASP A 246 -4.77 -13.10 6.29
CA ASP A 246 -4.96 -14.22 7.20
C ASP A 246 -4.80 -13.75 8.66
N LEU A 247 -3.67 -13.11 8.97
CA LEU A 247 -3.40 -12.64 10.32
C LEU A 247 -4.30 -11.48 10.79
N THR A 248 -4.49 -10.47 9.94
CA THR A 248 -5.31 -9.34 10.34
C THR A 248 -6.76 -9.72 10.58
N LEU A 249 -7.29 -10.65 9.79
CA LEU A 249 -8.67 -11.10 9.98
C LEU A 249 -8.71 -12.13 11.12
N GLY A 250 -7.54 -12.53 11.58
CA GLY A 250 -7.48 -13.51 12.64
C GLY A 250 -7.82 -14.92 12.22
N LEU A 251 -7.94 -15.17 10.91
CA LEU A 251 -8.28 -16.51 10.44
C LEU A 251 -7.15 -17.53 10.64
N CYS A 252 -5.92 -17.06 10.78
CA CYS A 252 -4.79 -17.96 11.00
C CYS A 252 -4.07 -17.52 12.26
N PHE A 253 -3.19 -18.37 12.77
CA PHE A 253 -2.50 -18.08 14.01
C PHE A 253 -1.00 -18.25 13.93
N ALA A 254 -0.28 -17.17 14.23
CA ALA A 254 1.17 -17.18 14.19
C ALA A 254 1.76 -18.04 15.29
N ASN A 255 1.01 -18.26 16.38
CA ASN A 255 1.47 -19.07 17.49
C ASN A 255 1.46 -20.57 17.19
N GLU A 256 1.07 -20.94 15.98
CA GLU A 256 1.06 -22.34 15.60
C GLU A 256 2.21 -22.66 14.68
N ALA A 257 3.01 -23.63 15.09
CA ALA A 257 4.18 -24.05 14.33
C ALA A 257 3.90 -24.20 12.83
N SER A 258 2.81 -24.90 12.49
CA SER A 258 2.45 -25.13 11.09
C SER A 258 2.40 -23.85 10.24
N TYR A 259 1.81 -22.80 10.79
CA TYR A 259 1.68 -21.54 10.07
C TYR A 259 2.97 -20.70 10.08
N SER A 260 3.59 -20.52 11.24
CA SER A 260 4.80 -19.73 11.27
C SER A 260 5.87 -20.34 10.36
N GLN A 261 5.93 -21.68 10.33
CA GLN A 261 6.93 -22.38 9.50
C GLN A 261 6.72 -22.04 8.03
N MET A 262 5.45 -21.96 7.64
CA MET A 262 5.09 -21.65 6.27
C MET A 262 5.53 -20.23 5.93
N LEU A 263 5.45 -19.34 6.90
CA LEU A 263 5.86 -17.97 6.68
C LEU A 263 7.37 -17.92 6.50
N VAL A 264 8.09 -18.66 7.34
CA VAL A 264 9.54 -18.71 7.26
C VAL A 264 10.02 -19.22 5.91
N ASP A 265 9.32 -20.22 5.36
CA ASP A 265 9.67 -20.81 4.07
C ASP A 265 9.28 -19.97 2.88
N LYS A 266 8.80 -18.77 3.12
CA LYS A 266 8.43 -17.91 2.00
C LYS A 266 8.95 -16.47 2.12
N PHE A 267 9.43 -16.10 3.30
CA PHE A 267 9.95 -14.75 3.48
C PHE A 267 10.93 -14.35 2.38
N LEU A 268 11.96 -15.15 2.17
CA LEU A 268 12.96 -14.83 1.15
C LEU A 268 12.40 -14.86 -0.28
N TYR A 269 11.19 -15.37 -0.45
CA TYR A 269 10.56 -15.44 -1.76
C TYR A 269 9.70 -14.22 -2.12
N MET A 270 9.75 -13.20 -1.26
CA MET A 270 9.00 -11.97 -1.49
C MET A 270 9.94 -10.79 -1.26
N MET A 271 9.48 -9.59 -1.60
CA MET A 271 10.29 -8.40 -1.44
C MET A 271 10.58 -8.09 0.02
N PRO A 272 11.77 -7.56 0.31
CA PRO A 272 12.17 -7.21 1.68
C PRO A 272 11.09 -6.40 2.39
N GLU A 273 10.47 -5.49 1.65
CA GLU A 273 9.43 -4.65 2.21
C GLU A 273 8.21 -5.47 2.60
N ASP A 274 7.94 -6.55 1.85
CA ASP A 274 6.81 -7.41 2.15
C ASP A 274 7.12 -8.27 3.35
N GLN A 275 8.40 -8.58 3.52
CA GLN A 275 8.84 -9.39 4.64
C GLN A 275 8.63 -8.61 5.92
N GLN A 276 9.04 -7.35 5.89
CA GLN A 276 8.92 -6.44 7.03
C GLN A 276 7.48 -6.33 7.48
N ILE A 277 6.59 -6.06 6.53
CA ILE A 277 5.17 -5.93 6.82
C ILE A 277 4.60 -7.24 7.39
N LEU A 278 4.93 -8.38 6.78
CA LEU A 278 4.43 -9.68 7.25
C LEU A 278 4.89 -9.96 8.67
N ARG A 279 6.19 -9.91 8.92
CA ARG A 279 6.70 -10.15 10.26
C ARG A 279 5.94 -9.31 11.28
N GLU A 280 5.76 -8.03 10.98
CA GLU A 280 5.05 -7.15 11.91
C GLU A 280 3.63 -7.61 12.22
N CYS A 281 2.92 -8.16 11.23
CA CYS A 281 1.57 -8.64 11.48
C CYS A 281 1.55 -9.78 12.49
N MET A 282 2.69 -10.45 12.63
CA MET A 282 2.82 -11.56 13.57
C MET A 282 2.89 -11.10 15.01
N ARG A 283 2.94 -9.81 15.24
CA ARG A 283 2.98 -9.36 16.62
C ARG A 283 1.97 -8.25 16.88
N ARG A 284 0.95 -8.22 16.03
CA ARG A 284 -0.11 -7.23 16.11
C ARG A 284 -1.45 -7.91 16.38
N PRO A 285 -2.44 -7.16 16.87
CA PRO A 285 -3.75 -7.76 17.14
C PRO A 285 -4.48 -8.02 15.82
N ASN A 286 -5.63 -8.71 15.89
CA ASN A 286 -6.44 -9.00 14.72
C ASN A 286 -7.88 -8.54 14.96
N LEU A 287 -8.65 -8.38 13.89
CA LEU A 287 -10.02 -7.92 13.98
C LEU A 287 -10.97 -8.94 14.62
N MET A 288 -10.75 -10.22 14.36
CA MET A 288 -11.61 -11.26 14.90
C MET A 288 -11.70 -11.13 16.42
N ASP A 289 -10.56 -11.23 17.08
CA ASP A 289 -10.53 -11.12 18.53
C ASP A 289 -11.06 -9.77 19.02
N ASP A 290 -10.84 -8.70 18.25
CA ASP A 290 -11.35 -7.39 18.63
C ASP A 290 -12.87 -7.45 18.74
N PHE A 291 -13.52 -7.93 17.68
CA PHE A 291 -14.98 -8.04 17.68
C PHE A 291 -15.48 -8.93 18.83
N LEU A 292 -14.78 -10.03 19.08
CA LEU A 292 -15.15 -10.96 20.14
C LEU A 292 -15.08 -10.30 21.52
N GLN A 293 -14.11 -9.41 21.70
CA GLN A 293 -13.92 -8.70 22.96
C GLN A 293 -14.91 -7.56 23.16
N ALA A 294 -15.59 -7.18 22.09
CA ALA A 294 -16.56 -6.09 22.15
C ALA A 294 -17.98 -6.65 22.25
N LYS A 295 -18.17 -7.62 23.16
CA LYS A 295 -19.46 -8.25 23.38
C LYS A 295 -20.45 -7.28 24.04
N GLY A 296 -19.93 -6.43 24.91
CA GLY A 296 -20.80 -5.47 25.59
C GLY A 296 -21.11 -4.26 24.76
N CYS A 297 -20.97 -4.39 23.44
CA CYS A 297 -21.24 -3.31 22.51
C CYS A 297 -22.17 -3.82 21.43
N ILE A 298 -22.72 -5.01 21.66
CA ILE A 298 -23.62 -5.65 20.72
C ILE A 298 -24.74 -4.76 20.19
N HIS A 299 -25.29 -3.90 21.04
CA HIS A 299 -26.36 -3.03 20.60
C HIS A 299 -25.92 -1.67 20.09
N GLN A 300 -24.70 -1.63 19.54
CA GLN A 300 -24.14 -0.41 19.00
C GLN A 300 -24.34 -0.38 17.49
N ASP A 301 -24.54 0.81 16.95
CA ASP A 301 -24.74 0.93 15.51
C ASP A 301 -23.51 0.47 14.75
N TRP A 302 -22.33 0.94 15.17
CA TRP A 302 -21.10 0.57 14.50
C TRP A 302 -20.88 -0.94 14.59
N TYR A 303 -21.34 -1.55 15.67
CA TYR A 303 -21.13 -2.98 15.85
C TYR A 303 -21.87 -3.79 14.82
N GLN A 304 -23.16 -3.53 14.65
CA GLN A 304 -23.93 -4.30 13.68
C GLN A 304 -23.45 -4.03 12.27
N GLU A 305 -23.23 -2.75 11.96
CA GLU A 305 -22.78 -2.31 10.64
C GLU A 305 -21.39 -2.81 10.24
N ASN A 306 -20.46 -2.75 11.19
CA ASN A 306 -19.09 -3.17 10.98
C ASN A 306 -18.89 -4.67 11.14
N LEU A 307 -19.58 -5.29 12.08
CA LEU A 307 -19.44 -6.73 12.25
C LEU A 307 -19.98 -7.43 11.00
N LYS A 308 -21.15 -6.97 10.57
CA LYS A 308 -21.80 -7.54 9.40
C LYS A 308 -20.85 -7.53 8.20
N LEU A 309 -20.29 -6.36 7.92
CA LEU A 309 -19.36 -6.20 6.81
C LEU A 309 -18.07 -7.01 7.04
N PHE A 310 -17.60 -7.07 8.28
CA PHE A 310 -16.42 -7.84 8.61
C PHE A 310 -16.63 -9.30 8.23
N ILE A 311 -17.68 -9.91 8.80
CA ILE A 311 -18.05 -11.31 8.53
C ILE A 311 -18.13 -11.58 7.04
N GLU A 312 -18.60 -10.61 6.27
CA GLU A 312 -18.70 -10.78 4.83
C GLU A 312 -17.29 -10.91 4.25
N VAL A 313 -16.38 -10.07 4.74
CA VAL A 313 -15.01 -10.11 4.26
C VAL A 313 -14.38 -11.45 4.59
N CYS A 314 -14.64 -11.97 5.78
CA CYS A 314 -14.06 -13.25 6.14
C CYS A 314 -14.55 -14.34 5.19
N GLU A 315 -15.82 -14.24 4.78
CA GLU A 315 -16.40 -15.23 3.87
C GLU A 315 -15.79 -15.13 2.47
N LEU A 316 -15.60 -13.91 1.98
CA LEU A 316 -15.01 -13.73 0.66
C LEU A 316 -13.60 -14.30 0.66
N HIS A 317 -12.83 -14.05 1.71
CA HIS A 317 -11.49 -14.60 1.73
C HIS A 317 -11.58 -16.12 1.62
N GLY A 318 -12.42 -16.74 2.46
CA GLY A 318 -12.60 -18.17 2.40
C GLY A 318 -13.10 -18.64 1.04
N GLN A 319 -13.90 -17.81 0.38
CA GLN A 319 -14.43 -18.15 -0.94
C GLN A 319 -13.29 -18.19 -1.95
N THR A 320 -12.39 -17.22 -1.82
CA THR A 320 -11.25 -17.11 -2.71
C THR A 320 -10.29 -18.28 -2.52
N ALA A 321 -10.26 -18.85 -1.32
CA ALA A 321 -9.37 -19.97 -1.04
C ALA A 321 -10.00 -21.25 -1.57
N ILE A 322 -11.33 -21.33 -1.49
CA ILE A 322 -11.99 -22.50 -2.01
C ILE A 322 -11.89 -22.46 -3.53
N GLN A 323 -12.12 -21.29 -4.11
CA GLN A 323 -12.04 -21.15 -5.56
C GLN A 323 -10.64 -21.56 -6.04
N HIS A 324 -9.62 -21.12 -5.32
CA HIS A 324 -8.27 -21.45 -5.71
C HIS A 324 -7.97 -22.93 -5.62
N HIS A 325 -8.25 -23.51 -4.46
CA HIS A 325 -7.98 -24.92 -4.28
C HIS A 325 -8.92 -25.82 -5.09
N ASN A 326 -10.22 -25.76 -4.78
CA ASN A 326 -11.21 -26.57 -5.44
C ASN A 326 -11.28 -26.46 -6.96
N GLU A 327 -10.99 -25.28 -7.51
CA GLU A 327 -11.06 -25.05 -8.95
C GLU A 327 -9.71 -24.99 -9.66
N LEU A 328 -8.93 -23.94 -9.37
CA LEU A 328 -7.62 -23.75 -10.00
C LEU A 328 -6.62 -24.88 -9.78
N VAL A 329 -6.29 -25.18 -8.54
CA VAL A 329 -5.32 -26.24 -8.25
C VAL A 329 -5.82 -27.59 -8.74
N THR A 330 -7.13 -27.75 -8.69
CA THR A 330 -7.77 -29.00 -9.11
C THR A 330 -7.71 -29.21 -10.63
N LYS A 331 -8.07 -28.19 -11.40
CA LYS A 331 -8.10 -28.29 -12.85
C LYS A 331 -6.74 -28.26 -13.55
N TYR A 332 -5.71 -27.69 -12.90
CA TYR A 332 -4.41 -27.60 -13.54
C TYR A 332 -3.25 -28.32 -12.86
N ILE A 333 -3.51 -28.97 -11.74
CA ILE A 333 -2.45 -29.70 -11.05
C ILE A 333 -2.83 -31.14 -10.73
N ALA A 334 -3.85 -31.29 -9.90
CA ALA A 334 -4.31 -32.61 -9.46
C ALA A 334 -4.76 -33.55 -10.60
N GLU A 335 -5.66 -33.07 -11.44
CA GLU A 335 -6.16 -33.88 -12.54
C GLU A 335 -5.09 -34.24 -13.57
N PRO A 336 -4.43 -33.24 -14.17
CA PRO A 336 -3.40 -33.56 -15.17
C PRO A 336 -2.27 -34.39 -14.59
N SER A 337 -2.15 -34.40 -13.27
CA SER A 337 -1.10 -35.15 -12.59
C SER A 337 -1.50 -36.61 -12.38
N VAL A 338 -2.80 -36.88 -12.32
CA VAL A 338 -3.29 -38.24 -12.13
C VAL A 338 -3.23 -38.98 -13.48
N SER A 339 -3.36 -38.22 -14.56
CA SER A 339 -3.32 -38.77 -15.90
C SER A 339 -1.90 -39.16 -16.26
N MET A 340 -0.99 -38.20 -16.12
CA MET A 340 0.43 -38.39 -16.40
C MET A 340 1.10 -39.17 -15.27
N PRO A 354 5.46 -36.66 -2.78
CA PRO A 354 4.82 -35.78 -1.81
C PRO A 354 3.77 -34.86 -2.44
N LEU A 355 3.19 -35.31 -3.54
CA LEU A 355 2.16 -34.54 -4.24
C LEU A 355 0.88 -34.56 -3.43
N HIS A 356 0.58 -35.71 -2.84
CA HIS A 356 -0.62 -35.83 -2.04
C HIS A 356 -0.38 -35.12 -0.71
N VAL A 357 0.88 -34.83 -0.42
CA VAL A 357 1.26 -34.14 0.81
C VAL A 357 1.03 -32.64 0.69
N LEU A 358 1.49 -32.05 -0.42
CA LEU A 358 1.31 -30.62 -0.63
C LEU A 358 -0.18 -30.31 -0.89
N LEU A 359 -0.93 -31.30 -1.34
CA LEU A 359 -2.36 -31.10 -1.60
C LEU A 359 -3.08 -31.06 -0.26
N ALA A 360 -2.62 -31.90 0.67
CA ALA A 360 -3.20 -31.95 1.99
C ALA A 360 -2.90 -30.67 2.78
N SER A 361 -1.75 -30.06 2.55
CA SER A 361 -1.44 -28.83 3.28
C SER A 361 -2.31 -27.70 2.77
N LEU A 362 -2.48 -27.69 1.45
CA LEU A 362 -3.30 -26.70 0.78
C LEU A 362 -4.76 -26.79 1.22
N GLU A 363 -5.19 -27.98 1.65
CA GLU A 363 -6.55 -28.16 2.11
C GLU A 363 -6.72 -27.57 3.51
N ARG A 364 -5.77 -27.84 4.40
CA ARG A 364 -5.86 -27.30 5.75
C ARG A 364 -5.85 -25.77 5.68
N LEU A 365 -5.19 -25.25 4.66
CA LEU A 365 -5.09 -23.82 4.43
C LEU A 365 -6.41 -23.24 3.95
N ARG A 366 -7.05 -23.93 3.01
CA ARG A 366 -8.33 -23.48 2.49
C ARG A 366 -9.39 -23.55 3.58
N ASP A 367 -9.33 -24.59 4.41
CA ASP A 367 -10.30 -24.75 5.49
C ASP A 367 -10.02 -23.76 6.63
N ARG A 368 -8.77 -23.33 6.73
CA ARG A 368 -8.40 -22.38 7.77
C ARG A 368 -9.01 -21.02 7.44
N ARG A 369 -9.09 -20.69 6.15
CA ARG A 369 -9.66 -19.43 5.69
C ARG A 369 -11.17 -19.46 5.59
N ALA A 370 -11.70 -20.61 5.22
CA ALA A 370 -13.14 -20.80 5.10
C ALA A 370 -13.71 -20.95 6.51
N ALA A 371 -12.83 -21.14 7.48
CA ALA A 371 -13.23 -21.27 8.88
C ALA A 371 -14.17 -22.46 9.07
N VAL A 372 -13.84 -23.58 8.46
CA VAL A 372 -14.66 -24.79 8.57
C VAL A 372 -14.43 -25.49 9.89
N LEU A 373 -15.29 -26.44 10.20
CA LEU A 373 -15.18 -27.17 11.45
C LEU A 373 -14.22 -28.36 11.31
N ARG A 374 -13.19 -28.39 12.16
CA ARG A 374 -12.22 -29.49 12.14
C ARG A 374 -11.73 -29.77 13.55
N ASP A 375 -11.17 -30.96 13.76
CA ASP A 375 -10.68 -31.35 15.08
C ASP A 375 -9.16 -31.53 15.07
N ASP A 376 -8.60 -31.64 13.87
CA ASP A 376 -7.17 -31.82 13.71
C ASP A 376 -6.40 -30.50 13.74
N ILE A 377 -7.06 -29.41 13.35
CA ILE A 377 -6.44 -28.09 13.36
C ILE A 377 -7.36 -27.04 13.97
N ARG A 378 -6.77 -25.94 14.43
CA ARG A 378 -7.53 -24.86 15.04
C ARG A 378 -8.15 -24.01 13.95
N THR A 379 -9.43 -23.67 14.13
CA THR A 379 -10.13 -22.87 13.15
C THR A 379 -11.03 -21.86 13.86
N ARG A 380 -11.55 -20.90 13.10
CA ARG A 380 -12.41 -19.88 13.64
C ARG A 380 -13.90 -20.20 13.49
N TYR A 381 -14.21 -21.44 13.12
CA TYR A 381 -15.60 -21.85 12.93
C TYR A 381 -16.52 -21.46 14.10
N TYR A 382 -16.12 -21.79 15.32
CA TYR A 382 -16.93 -21.48 16.48
C TYR A 382 -16.96 -19.98 16.77
N ASP A 383 -15.79 -19.36 16.72
CA ASP A 383 -15.67 -17.92 16.96
C ASP A 383 -16.51 -17.13 15.97
N LEU A 384 -16.49 -17.56 14.72
CA LEU A 384 -17.24 -16.90 13.67
C LEU A 384 -18.74 -17.14 13.87
N LYS A 385 -19.10 -18.33 14.36
CA LYS A 385 -20.49 -18.65 14.60
C LYS A 385 -21.00 -17.81 15.75
N LYS A 386 -20.18 -17.66 16.77
CA LYS A 386 -20.55 -16.87 17.94
C LYS A 386 -20.83 -15.45 17.50
N LEU A 387 -19.97 -14.92 16.62
CA LEU A 387 -20.13 -13.57 16.12
C LEU A 387 -21.33 -13.44 15.19
N LYS A 388 -21.61 -14.48 14.40
CA LYS A 388 -22.75 -14.43 13.49
C LYS A 388 -24.03 -14.41 14.32
N ASP A 389 -24.07 -15.22 15.36
CA ASP A 389 -25.23 -15.31 16.24
C ASP A 389 -25.29 -14.11 17.17
N SER A 390 -24.23 -13.32 17.16
CA SER A 390 -24.14 -12.12 17.98
C SER A 390 -24.89 -10.99 17.27
N LEU A 391 -24.83 -11.03 15.94
CA LEU A 391 -25.48 -10.03 15.08
C LEU A 391 -26.98 -10.20 15.08
N ARG A 392 -27.43 -11.39 15.46
CA ARG A 392 -28.85 -11.70 15.50
C ARG A 392 -29.47 -10.98 16.69
N LEU A 393 -28.81 -11.10 17.84
CA LEU A 393 -29.28 -10.50 19.07
C LEU A 393 -29.31 -8.97 19.03
N GLU A 394 -28.47 -8.39 18.18
CA GLU A 394 -28.36 -6.94 18.07
C GLU A 394 -29.35 -6.25 17.11
N HIS A 395 -29.91 -6.99 16.17
CA HIS A 395 -30.85 -6.42 15.22
C HIS A 395 -32.20 -6.14 15.89
N HIS A 396 -32.15 -6.03 17.22
CA HIS A 396 -33.33 -5.75 18.03
C HIS A 396 -33.02 -4.59 18.99
N TYR B 6 -0.58 4.64 34.13
CA TYR B 6 -2.00 5.08 34.00
C TYR B 6 -2.10 6.54 33.60
N ASN B 7 -0.98 7.27 33.66
CA ASN B 7 -0.96 8.69 33.29
C ASN B 7 -1.33 8.90 31.83
N THR B 8 -0.82 8.04 30.95
CA THR B 8 -1.12 8.16 29.54
C THR B 8 -2.63 8.05 29.33
N GLU B 9 -3.22 7.00 29.91
CA GLU B 9 -4.64 6.78 29.81
C GLU B 9 -5.45 7.88 30.50
N ALA B 10 -4.98 8.36 31.64
CA ALA B 10 -5.68 9.42 32.38
C ALA B 10 -5.83 10.65 31.49
N PHE B 11 -4.79 10.98 30.74
CA PHE B 11 -4.82 12.14 29.87
C PHE B 11 -5.69 11.88 28.65
N ASP B 12 -5.61 10.67 28.12
CA ASP B 12 -6.40 10.31 26.94
C ASP B 12 -7.88 10.31 27.27
N GLU B 13 -8.24 9.72 28.42
CA GLU B 13 -9.63 9.67 28.84
C GLU B 13 -10.14 11.09 29.06
N TRP B 14 -9.26 11.99 29.50
CA TRP B 14 -9.65 13.38 29.72
C TRP B 14 -9.96 14.02 28.35
N ILE B 15 -9.07 13.81 27.39
CA ILE B 15 -9.24 14.35 26.03
C ILE B 15 -10.54 13.87 25.38
N ARG B 16 -10.96 12.65 25.73
CA ARG B 16 -12.17 12.09 25.14
C ARG B 16 -13.44 12.38 25.94
N SER B 17 -13.30 13.12 27.05
CA SER B 17 -14.45 13.48 27.88
C SER B 17 -14.59 14.98 28.17
N ARG B 18 -14.07 15.43 29.31
CA ARG B 18 -14.15 16.82 29.73
C ARG B 18 -13.60 17.79 28.70
N PHE B 19 -12.51 17.41 28.04
CA PHE B 19 -11.90 18.26 27.02
C PHE B 19 -12.96 18.64 25.99
N VAL B 20 -13.70 17.65 25.50
CA VAL B 20 -14.74 17.91 24.51
C VAL B 20 -15.84 18.80 25.08
N GLU B 21 -16.23 18.54 26.33
CA GLU B 21 -17.29 19.33 26.99
C GLU B 21 -16.90 20.80 27.11
N LEU B 22 -15.73 21.04 27.70
CA LEU B 22 -15.23 22.40 27.87
C LEU B 22 -15.21 23.17 26.54
N ASN B 23 -14.61 22.59 25.50
CA ASN B 23 -14.53 23.26 24.20
C ASN B 23 -15.92 23.50 23.60
N SER B 24 -16.78 22.48 23.67
CA SER B 24 -18.12 22.58 23.14
C SER B 24 -18.88 23.72 23.82
N GLN B 25 -18.95 23.65 25.14
CA GLN B 25 -19.61 24.66 25.95
C GLN B 25 -19.04 26.05 25.62
N LEU B 26 -17.74 26.13 25.39
CA LEU B 26 -17.10 27.39 25.05
C LEU B 26 -17.53 27.87 23.67
N GLU B 27 -17.66 26.94 22.72
CA GLU B 27 -18.07 27.31 21.38
C GLU B 27 -19.50 27.85 21.38
N GLN B 28 -20.30 27.40 22.34
CA GLN B 28 -21.68 27.86 22.43
C GLN B 28 -21.71 29.35 22.75
N LEU B 29 -20.85 29.75 23.68
CA LEU B 29 -20.77 31.15 24.06
C LEU B 29 -20.31 32.00 22.87
N TYR B 30 -19.24 31.58 22.21
CA TYR B 30 -18.73 32.35 21.08
C TYR B 30 -19.76 32.57 19.99
N TYR B 31 -20.56 31.54 19.72
CA TYR B 31 -21.56 31.62 18.65
C TYR B 31 -22.71 32.61 18.97
N GLN B 32 -23.10 32.69 20.24
CA GLN B 32 -24.16 33.60 20.66
C GLN B 32 -23.77 35.06 20.44
N GLN B 33 -22.48 35.36 20.55
CA GLN B 33 -22.02 36.73 20.38
C GLN B 33 -22.46 37.29 19.04
N THR B 34 -22.22 38.58 18.86
CA THR B 34 -22.57 39.25 17.63
C THR B 34 -21.35 39.20 16.72
N ASP B 35 -20.17 39.25 17.33
CA ASP B 35 -18.91 39.17 16.60
C ASP B 35 -18.73 37.70 16.25
N ARG B 36 -18.92 36.85 17.25
CA ARG B 36 -18.81 35.40 17.08
C ARG B 36 -17.37 34.93 16.93
N ALA B 37 -16.50 35.80 16.45
CA ALA B 37 -15.10 35.46 16.27
C ALA B 37 -14.30 35.96 17.48
N ASN B 38 -14.98 36.67 18.36
CA ASN B 38 -14.33 37.21 19.53
C ASN B 38 -14.21 36.19 20.65
N VAL B 39 -13.10 36.26 21.39
CA VAL B 39 -12.86 35.33 22.48
C VAL B 39 -12.50 36.05 23.78
N GLN B 40 -12.24 37.35 23.67
CA GLN B 40 -11.89 38.16 24.84
C GLN B 40 -13.07 38.30 25.80
N GLU B 41 -12.79 38.28 27.11
CA GLU B 41 -13.83 38.38 28.14
C GLU B 41 -15.02 37.45 27.93
N VAL B 42 -14.75 36.16 27.78
CA VAL B 42 -15.80 35.17 27.59
C VAL B 42 -15.29 33.77 27.96
N GLY B 43 -16.14 33.01 28.64
CA GLY B 43 -15.77 31.67 29.06
C GLY B 43 -14.48 31.63 29.87
N THR B 44 -14.19 32.72 30.57
CA THR B 44 -12.99 32.82 31.37
C THR B 44 -12.88 31.65 32.36
N GLU B 45 -14.01 31.20 32.87
CA GLU B 45 -14.02 30.08 33.81
C GLU B 45 -13.66 28.77 33.13
N LEU B 46 -14.30 28.53 32.00
CA LEU B 46 -14.07 27.32 31.21
C LEU B 46 -12.62 27.26 30.72
N LYS B 47 -12.05 28.41 30.36
CA LYS B 47 -10.67 28.44 29.90
C LYS B 47 -9.70 28.03 30.98
N HIS B 48 -9.90 28.53 32.19
CA HIS B 48 -9.04 28.20 33.32
C HIS B 48 -9.07 26.70 33.61
N THR B 49 -10.26 26.10 33.50
CA THR B 49 -10.43 24.67 33.77
C THR B 49 -9.71 23.83 32.72
N LEU B 50 -9.92 24.17 31.46
CA LEU B 50 -9.29 23.46 30.35
C LEU B 50 -7.77 23.54 30.50
N GLU B 51 -7.26 24.75 30.72
CA GLU B 51 -5.82 24.96 30.87
C GLU B 51 -5.31 24.22 32.09
N SER B 52 -5.99 24.42 33.22
CA SER B 52 -5.60 23.80 34.48
C SER B 52 -5.60 22.27 34.48
N GLU B 53 -6.74 21.67 34.17
CA GLU B 53 -6.84 20.22 34.15
C GLU B 53 -5.87 19.57 33.18
N GLY B 54 -5.74 20.14 32.00
CA GLY B 54 -4.82 19.59 31.02
C GLY B 54 -3.38 19.65 31.49
N ARG B 55 -2.95 20.81 31.99
CA ARG B 55 -1.59 20.97 32.45
C ARG B 55 -1.21 19.94 33.50
N GLU B 56 -2.05 19.78 34.51
CA GLU B 56 -1.76 18.80 35.57
C GLU B 56 -1.52 17.39 35.02
N LEU B 57 -2.40 16.96 34.12
CA LEU B 57 -2.28 15.65 33.50
C LEU B 57 -1.01 15.53 32.66
N VAL B 58 -0.65 16.63 32.01
CA VAL B 58 0.56 16.66 31.18
C VAL B 58 1.78 16.59 32.08
N LYS B 59 1.73 17.36 33.17
CA LYS B 59 2.83 17.44 34.14
C LYS B 59 3.18 16.07 34.70
N ALA B 60 2.16 15.24 34.89
CA ALA B 60 2.31 13.89 35.39
C ALA B 60 3.07 13.04 34.38
N LEU B 61 2.81 13.31 33.11
CA LEU B 61 3.46 12.60 32.01
C LEU B 61 4.91 13.03 31.85
N LEU B 62 5.15 14.33 31.95
CA LEU B 62 6.48 14.89 31.80
C LEU B 62 7.44 14.34 32.86
N ASP B 63 6.89 13.93 34.00
CA ASP B 63 7.69 13.38 35.08
C ASP B 63 8.28 12.02 34.75
N GLU B 64 7.48 11.16 34.11
CA GLU B 64 7.94 9.82 33.74
C GLU B 64 9.21 9.86 32.89
N GLY B 65 9.46 11.01 32.25
CA GLY B 65 10.64 11.15 31.42
C GLY B 65 10.64 10.25 30.19
N ASN B 66 11.84 9.78 29.82
CA ASN B 66 11.99 8.91 28.64
C ASN B 66 11.19 7.62 28.75
N THR B 67 10.46 7.31 27.69
CA THR B 67 9.66 6.10 27.63
C THR B 67 9.75 5.60 26.20
N ASP B 68 9.74 4.29 26.01
CA ASP B 68 9.82 3.74 24.67
C ASP B 68 8.76 2.66 24.51
N GLU B 69 7.52 3.11 24.35
CA GLU B 69 6.38 2.22 24.19
C GLU B 69 6.10 1.93 22.73
N GLY B 70 6.97 2.43 21.84
CA GLY B 70 6.76 2.20 20.43
C GLY B 70 6.22 3.44 19.76
N PHE B 71 6.43 3.54 18.46
CA PHE B 71 5.99 4.69 17.69
C PHE B 71 4.53 5.05 17.81
N ASP B 72 3.65 4.05 17.73
CA ASP B 72 2.21 4.32 17.79
C ASP B 72 1.77 4.90 19.11
N SER B 73 2.33 4.39 20.19
CA SER B 73 1.97 4.87 21.50
C SER B 73 2.46 6.32 21.69
N ALA B 74 3.71 6.56 21.35
CA ALA B 74 4.27 7.91 21.47
C ALA B 74 3.53 8.92 20.58
N PHE B 75 3.25 8.54 19.34
CA PHE B 75 2.57 9.44 18.42
C PHE B 75 1.18 9.80 18.94
N ASP B 76 0.49 8.80 19.51
CA ASP B 76 -0.83 9.00 20.06
C ASP B 76 -0.78 10.01 21.20
N LEU B 77 0.20 9.83 22.09
CA LEU B 77 0.36 10.73 23.23
C LEU B 77 0.65 12.15 22.73
N LEU B 78 1.56 12.26 21.76
CA LEU B 78 1.90 13.57 21.23
C LEU B 78 0.65 14.23 20.68
N GLY B 79 -0.22 13.42 20.10
CA GLY B 79 -1.46 13.94 19.56
C GLY B 79 -2.31 14.56 20.65
N ASN B 80 -2.44 13.89 21.80
CA ASN B 80 -3.25 14.47 22.86
C ASN B 80 -2.63 15.78 23.32
N VAL B 81 -1.31 15.81 23.49
CA VAL B 81 -0.63 17.03 23.91
C VAL B 81 -0.88 18.14 22.87
N GLY B 82 -0.85 17.78 21.58
CA GLY B 82 -1.07 18.75 20.53
C GLY B 82 -2.51 19.22 20.48
N LEU B 83 -3.42 18.30 20.74
CA LEU B 83 -4.83 18.65 20.76
C LEU B 83 -5.05 19.63 21.89
N TYR B 84 -4.44 19.36 23.04
CA TYR B 84 -4.55 20.23 24.19
C TYR B 84 -3.98 21.62 23.86
N MET B 85 -2.75 21.67 23.35
CA MET B 85 -2.16 22.98 23.05
C MET B 85 -2.94 23.72 21.97
N ALA B 86 -3.47 22.99 20.99
CA ALA B 86 -4.25 23.60 19.92
C ALA B 86 -5.50 24.26 20.47
N ALA B 87 -6.14 23.62 21.44
CA ALA B 87 -7.34 24.19 22.05
C ALA B 87 -6.93 25.50 22.73
N CYS B 88 -5.93 25.43 23.60
CA CYS B 88 -5.45 26.62 24.30
C CYS B 88 -5.19 27.74 23.30
N ARG B 89 -4.73 27.40 22.11
CA ARG B 89 -4.46 28.44 21.12
C ARG B 89 -5.76 29.02 20.61
N ARG B 90 -6.73 28.16 20.34
CA ARG B 90 -8.03 28.60 19.83
C ARG B 90 -8.70 29.58 20.80
N HIS B 91 -8.68 29.23 22.09
CA HIS B 91 -9.29 30.07 23.11
C HIS B 91 -8.42 31.25 23.55
N GLU B 92 -7.37 31.54 22.81
CA GLU B 92 -6.46 32.65 23.12
C GLU B 92 -5.68 32.47 24.44
N ILE B 93 -5.71 31.26 25.01
CA ILE B 93 -4.95 31.00 26.23
C ILE B 93 -3.46 31.14 25.90
N THR B 94 -3.13 31.00 24.62
CA THR B 94 -1.77 31.15 24.15
C THR B 94 -1.87 31.77 22.75
N GLU B 95 -1.01 32.73 22.46
CA GLU B 95 -1.04 33.40 21.16
C GLU B 95 0.39 33.73 20.75
N PRO B 96 0.82 33.23 19.59
CA PRO B 96 2.16 33.44 19.03
C PRO B 96 2.70 34.88 18.93
N THR B 97 1.97 35.75 18.23
CA THR B 97 2.40 37.13 18.05
C THR B 97 2.34 37.94 19.34
N ARG B 98 1.92 37.28 20.42
CA ARG B 98 1.79 37.93 21.71
C ARG B 98 2.91 37.49 22.63
N GLU B 99 3.51 36.35 22.31
CA GLU B 99 4.57 35.79 23.13
C GLU B 99 5.94 35.81 22.47
N THR B 100 6.95 35.46 23.25
CA THR B 100 8.29 35.37 22.76
C THR B 100 8.57 33.87 22.80
N THR B 101 7.94 33.22 23.78
CA THR B 101 8.05 31.77 23.99
C THR B 101 6.70 31.31 24.54
N SER B 102 6.43 30.01 24.42
CA SER B 102 5.17 29.46 24.90
C SER B 102 4.98 29.54 26.41
N PRO B 103 3.76 29.90 26.84
CA PRO B 103 3.45 30.01 28.26
C PRO B 103 3.12 28.63 28.85
N LEU B 104 2.89 27.66 27.99
CA LEU B 104 2.58 26.29 28.42
C LEU B 104 3.90 25.52 28.49
N LEU B 105 4.62 25.70 29.58
CA LEU B 105 5.93 25.09 29.78
C LEU B 105 5.99 23.57 29.72
N GLU B 106 5.18 22.92 30.56
CA GLU B 106 5.14 21.46 30.59
C GLU B 106 4.76 20.84 29.24
N ALA B 107 3.64 21.28 28.69
CA ALA B 107 3.17 20.77 27.40
C ALA B 107 4.22 20.94 26.31
N SER B 108 4.90 22.08 26.29
CA SER B 108 5.92 22.34 25.28
C SER B 108 7.07 21.33 25.38
N ALA B 109 7.61 21.18 26.59
CA ALA B 109 8.71 20.25 26.78
C ALA B 109 8.30 18.85 26.35
N LEU B 110 7.14 18.40 26.80
CA LEU B 110 6.67 17.07 26.47
C LEU B 110 6.51 16.89 24.96
N ALA B 111 5.84 17.84 24.33
CA ALA B 111 5.62 17.78 22.89
C ALA B 111 6.93 17.77 22.11
N MET B 112 7.85 18.64 22.48
CA MET B 112 9.14 18.71 21.79
C MET B 112 9.97 17.47 22.01
N HIS B 113 9.80 16.86 23.17
CA HIS B 113 10.52 15.65 23.54
C HIS B 113 10.05 14.48 22.66
N ILE B 114 8.74 14.24 22.65
CA ILE B 114 8.18 13.15 21.85
C ILE B 114 8.45 13.35 20.36
N GLY B 115 8.05 14.50 19.83
CA GLY B 115 8.24 14.79 18.42
C GLY B 115 9.63 14.55 17.89
N ALA B 116 10.63 15.08 18.59
CA ALA B 116 12.01 14.92 18.19
C ALA B 116 12.46 13.47 18.33
N SER B 117 11.85 12.76 19.28
CA SER B 117 12.22 11.38 19.55
C SER B 117 11.68 10.41 18.51
N ILE B 118 10.63 10.81 17.79
CA ILE B 118 10.07 9.94 16.78
C ILE B 118 10.10 10.56 15.39
N GLY B 119 10.68 11.75 15.27
CA GLY B 119 10.76 12.40 13.97
C GLY B 119 9.49 13.01 13.40
N VAL B 120 8.74 13.74 14.22
CA VAL B 120 7.53 14.41 13.77
C VAL B 120 7.47 15.79 14.38
N THR B 121 6.59 16.63 13.84
CA THR B 121 6.44 17.99 14.35
C THR B 121 5.89 17.87 15.78
N PRO B 122 6.36 18.71 16.71
CA PRO B 122 5.94 18.73 18.11
C PRO B 122 4.55 19.29 18.38
N ARG B 123 3.62 19.02 17.47
CA ARG B 123 2.26 19.49 17.60
C ARG B 123 1.25 18.55 16.95
N PHE B 124 -0.01 18.95 17.05
CA PHE B 124 -1.12 18.21 16.48
C PHE B 124 -1.00 18.18 14.95
N ALA B 125 -1.00 16.97 14.38
CA ALA B 125 -0.87 16.81 12.93
C ALA B 125 -2.15 16.20 12.34
N THR B 126 -2.37 16.36 11.05
CA THR B 126 -3.59 15.84 10.44
C THR B 126 -3.90 14.38 10.75
N ALA B 127 -2.89 13.53 10.72
CA ALA B 127 -3.09 12.10 11.00
C ALA B 127 -3.66 11.89 12.40
N HIS B 128 -3.33 12.78 13.34
CA HIS B 128 -3.84 12.64 14.70
C HIS B 128 -5.35 12.60 14.78
N LEU B 129 -6.02 13.31 13.87
CA LEU B 129 -7.47 13.29 13.88
C LEU B 129 -8.09 12.49 12.74
N THR B 130 -7.29 12.18 11.70
CA THR B 130 -7.84 11.44 10.58
C THR B 130 -7.49 9.96 10.47
N THR B 131 -6.42 9.64 9.76
CA THR B 131 -6.02 8.25 9.56
C THR B 131 -5.52 7.53 10.80
N HIS B 132 -5.07 8.26 11.80
CA HIS B 132 -4.58 7.63 13.02
C HIS B 132 -5.32 8.05 14.29
N ASN B 133 -6.62 8.32 14.13
CA ASN B 133 -7.48 8.73 15.24
C ASN B 133 -8.27 7.48 15.69
N ARG B 134 -7.78 6.81 16.73
CA ARG B 134 -8.46 5.62 17.23
C ARG B 134 -9.81 5.90 17.90
N ALA B 135 -10.82 5.14 17.47
CA ALA B 135 -12.16 5.29 18.02
C ALA B 135 -12.39 4.32 19.17
N HIS B 136 -13.12 4.79 20.18
CA HIS B 136 -13.45 3.94 21.32
C HIS B 136 -14.96 3.81 21.32
N ASN B 137 -15.43 2.58 21.13
CA ASN B 137 -16.86 2.33 21.09
C ASN B 137 -17.54 3.33 20.14
N GLY B 138 -16.95 3.54 18.96
CA GLY B 138 -17.55 4.43 17.98
C GLY B 138 -17.17 5.90 17.97
N ILE B 139 -16.64 6.39 19.09
CA ILE B 139 -16.24 7.78 19.17
C ILE B 139 -14.72 7.94 19.11
N TYR B 140 -14.25 8.88 18.30
CA TYR B 140 -12.82 9.13 18.16
C TYR B 140 -12.51 10.56 18.59
N LYS B 141 -11.24 10.84 18.88
CA LYS B 141 -10.81 12.17 19.33
C LYS B 141 -11.41 13.32 18.51
N ARG B 142 -11.77 14.39 19.20
CA ARG B 142 -12.36 15.56 18.57
C ARG B 142 -12.21 16.73 19.53
N PHE B 143 -12.33 17.94 19.00
CA PHE B 143 -12.21 19.13 19.84
C PHE B 143 -13.55 19.42 20.48
N THR B 144 -14.62 19.23 19.71
CA THR B 144 -15.96 19.49 20.17
C THR B 144 -16.90 18.36 19.76
N ASP B 145 -18.17 18.49 20.11
CA ASP B 145 -19.14 17.47 19.72
C ASP B 145 -19.99 17.97 18.56
N LEU B 146 -19.60 19.10 17.99
CA LEU B 146 -20.32 19.70 16.87
C LEU B 146 -20.36 18.79 15.63
N PRO B 147 -21.53 18.71 14.98
CA PRO B 147 -21.71 17.89 13.78
C PRO B 147 -20.83 18.32 12.61
N ASP B 148 -20.59 19.62 12.52
CA ASP B 148 -19.77 20.15 11.43
C ASP B 148 -18.29 19.78 11.53
N GLU B 149 -17.81 19.52 12.74
CA GLU B 149 -16.43 19.11 12.91
C GLU B 149 -16.32 17.70 12.38
N LYS B 150 -17.24 16.84 12.81
CA LYS B 150 -17.27 15.44 12.39
C LYS B 150 -17.35 15.35 10.86
N LEU B 151 -18.09 16.24 10.22
CA LEU B 151 -18.19 16.21 8.76
C LEU B 151 -16.85 16.55 8.14
N PHE B 152 -16.20 17.59 8.66
CA PHE B 152 -14.90 18.02 8.17
C PHE B 152 -13.85 16.92 8.31
N VAL B 153 -13.72 16.36 9.51
CA VAL B 153 -12.75 15.32 9.77
C VAL B 153 -13.01 14.04 8.96
N ASP B 154 -14.25 13.55 8.99
CA ASP B 154 -14.59 12.33 8.25
C ASP B 154 -14.31 12.43 6.75
N TYR B 155 -14.67 13.56 6.15
CA TYR B 155 -14.44 13.71 4.72
C TYR B 155 -12.97 13.98 4.43
N ASN B 156 -12.23 14.53 5.38
CA ASN B 156 -10.79 14.73 5.15
C ASN B 156 -10.19 13.33 5.14
N THR B 157 -10.65 12.50 6.08
CA THR B 157 -10.17 11.12 6.19
C THR B 157 -10.49 10.35 4.90
N LYS B 158 -11.73 10.44 4.44
CA LYS B 158 -12.14 9.77 3.21
C LYS B 158 -11.32 10.28 2.03
N GLY B 159 -11.12 11.59 1.98
CA GLY B 159 -10.34 12.16 0.90
C GLY B 159 -8.92 11.65 0.92
N ILE B 160 -8.31 11.73 2.09
CA ILE B 160 -6.93 11.29 2.27
C ILE B 160 -6.76 9.83 1.87
N LEU B 161 -7.62 8.97 2.39
CA LEU B 161 -7.53 7.55 2.06
C LEU B 161 -7.73 7.29 0.58
N ALA B 162 -8.53 8.11 -0.08
CA ALA B 162 -8.75 7.92 -1.50
C ALA B 162 -7.47 8.29 -2.26
N TYR B 163 -6.77 9.32 -1.80
CA TYR B 163 -5.54 9.73 -2.46
C TYR B 163 -4.44 8.69 -2.26
N LYS B 164 -4.47 8.00 -1.11
CA LYS B 164 -3.46 6.98 -0.84
C LYS B 164 -3.64 5.82 -1.80
N ARG B 165 -4.90 5.53 -2.13
CA ARG B 165 -5.20 4.46 -3.07
C ARG B 165 -4.67 4.88 -4.44
N ALA B 166 -4.80 6.15 -4.79
CA ALA B 166 -4.31 6.61 -6.08
C ALA B 166 -2.78 6.62 -6.16
N SER B 167 -2.11 7.05 -5.09
CA SER B 167 -0.66 7.08 -5.13
C SER B 167 -0.06 5.67 -5.11
N ASP B 168 -0.70 4.75 -4.39
CA ASP B 168 -0.17 3.39 -4.33
C ASP B 168 -0.26 2.73 -5.70
N ALA B 169 -1.35 2.97 -6.43
CA ALA B 169 -1.48 2.38 -7.76
C ALA B 169 -0.41 2.92 -8.72
N LEU B 170 -0.20 4.22 -8.67
CA LEU B 170 0.78 4.87 -9.52
C LEU B 170 2.21 4.38 -9.24
N LEU B 171 2.54 4.16 -7.98
CA LEU B 171 3.86 3.69 -7.64
C LEU B 171 4.12 2.26 -8.12
N LYS B 172 3.06 1.47 -8.27
CA LYS B 172 3.25 0.10 -8.73
C LYS B 172 3.48 0.00 -10.24
N ILE B 173 3.35 1.12 -10.95
CA ILE B 173 3.58 1.13 -12.39
C ILE B 173 5.07 1.25 -12.65
N GLN B 174 5.76 1.99 -11.78
CA GLN B 174 7.18 2.22 -11.90
C GLN B 174 7.99 0.97 -12.27
N PRO B 175 7.84 -0.14 -11.52
CA PRO B 175 8.59 -1.35 -11.85
C PRO B 175 8.11 -2.07 -13.12
N LEU B 176 6.88 -1.80 -13.53
CA LEU B 176 6.30 -2.44 -14.72
C LEU B 176 6.53 -1.63 -16.00
N GLY B 177 6.58 -0.31 -15.88
CA GLY B 177 6.78 0.52 -17.06
C GLY B 177 5.45 0.96 -17.65
N ILE B 178 5.44 2.06 -18.39
CA ILE B 178 4.20 2.56 -18.99
C ILE B 178 3.63 1.71 -20.12
N SER B 179 4.46 0.86 -20.71
CA SER B 179 4.00 0.01 -21.81
C SER B 179 3.48 -1.35 -21.34
N HIS B 180 3.57 -1.62 -20.05
CA HIS B 180 3.11 -2.90 -19.53
C HIS B 180 1.60 -2.97 -19.52
N PRO B 181 1.05 -4.13 -19.93
CA PRO B 181 -0.42 -4.25 -19.94
C PRO B 181 -1.04 -4.09 -18.57
N ILE B 182 -0.39 -4.64 -17.55
CA ILE B 182 -0.92 -4.52 -16.20
C ILE B 182 -0.97 -3.05 -15.76
N SER B 183 -0.12 -2.21 -16.33
CA SER B 183 -0.09 -0.79 -15.99
C SER B 183 -1.37 -0.09 -16.42
N HIS B 184 -2.12 -0.76 -17.29
CA HIS B 184 -3.38 -0.20 -17.77
C HIS B 184 -4.42 -0.36 -16.67
N ASP B 185 -4.32 -1.44 -15.90
CA ASP B 185 -5.25 -1.69 -14.80
C ASP B 185 -4.95 -0.76 -13.62
N LEU B 186 -3.66 -0.56 -13.34
CA LEU B 186 -3.25 0.30 -12.24
C LEU B 186 -3.67 1.72 -12.55
N LEU B 187 -3.59 2.06 -13.82
CA LEU B 187 -3.95 3.38 -14.30
C LEU B 187 -5.45 3.59 -14.12
N ARG B 188 -6.21 2.51 -14.24
CA ARG B 188 -7.65 2.58 -14.09
C ARG B 188 -7.98 2.60 -12.61
N VAL B 189 -7.17 1.90 -11.81
CA VAL B 189 -7.39 1.89 -10.36
C VAL B 189 -7.13 3.31 -9.88
N THR B 190 -6.11 3.94 -10.45
CA THR B 190 -5.75 5.30 -10.10
C THR B 190 -6.90 6.24 -10.44
N LYS B 191 -7.46 6.06 -11.64
CA LYS B 191 -8.57 6.89 -12.11
C LYS B 191 -9.76 6.78 -11.15
N GLN B 192 -10.13 5.57 -10.77
CA GLN B 192 -11.24 5.38 -9.86
C GLN B 192 -11.01 6.05 -8.49
N ALA B 193 -9.81 5.88 -7.93
CA ALA B 193 -9.47 6.45 -6.64
C ALA B 193 -9.57 7.98 -6.67
N LEU B 194 -9.10 8.59 -7.76
CA LEU B 194 -9.18 10.04 -7.90
C LEU B 194 -10.66 10.46 -8.00
N GLN B 195 -11.50 9.64 -8.64
CA GLN B 195 -12.92 9.96 -8.74
C GLN B 195 -13.53 9.91 -7.34
N ASP B 196 -13.07 8.97 -6.52
CA ASP B 196 -13.60 8.87 -5.15
C ASP B 196 -13.31 10.14 -4.38
N VAL B 197 -12.23 10.82 -4.74
CA VAL B 197 -11.85 12.06 -4.12
C VAL B 197 -12.81 13.15 -4.55
N ILE B 198 -13.09 13.22 -5.85
CA ILE B 198 -14.02 14.21 -6.37
C ILE B 198 -15.36 14.05 -5.65
N GLU B 199 -15.85 12.82 -5.60
CA GLU B 199 -17.12 12.54 -4.94
C GLU B 199 -17.05 12.88 -3.46
N SER B 200 -15.96 12.48 -2.82
CA SER B 200 -15.77 12.74 -1.40
C SER B 200 -15.84 14.24 -1.11
N ASN B 201 -15.10 15.01 -1.88
CA ASN B 201 -15.10 16.46 -1.72
C ASN B 201 -16.47 17.08 -1.99
N GLN B 202 -17.20 16.52 -2.95
CA GLN B 202 -18.52 17.05 -3.30
C GLN B 202 -19.46 16.88 -2.11
N GLN B 203 -19.47 15.68 -1.52
CA GLN B 203 -20.33 15.44 -0.37
C GLN B 203 -20.02 16.45 0.73
N LEU B 204 -18.74 16.69 0.99
CA LEU B 204 -18.36 17.65 2.03
C LEU B 204 -18.88 19.04 1.69
N PHE B 205 -18.81 19.39 0.40
CA PHE B 205 -19.27 20.68 -0.09
C PHE B 205 -20.78 20.84 0.08
N ASN B 206 -21.50 19.75 -0.06
CA ASN B 206 -22.95 19.73 0.03
C ASN B 206 -23.50 19.45 1.44
N ARG B 207 -22.64 19.38 2.45
CA ARG B 207 -23.16 19.07 3.78
C ARG B 207 -22.61 19.95 4.89
N LEU B 208 -21.37 20.42 4.74
CA LEU B 208 -20.71 21.25 5.74
C LEU B 208 -21.31 22.66 5.81
N ASP B 209 -21.58 23.12 7.02
CA ASP B 209 -22.13 24.45 7.26
C ASP B 209 -21.01 25.47 7.23
N THR B 210 -20.95 26.23 6.16
CA THR B 210 -19.93 27.25 5.97
C THR B 210 -19.64 28.09 7.22
N ASP B 211 -20.68 28.55 7.91
CA ASP B 211 -20.51 29.38 9.10
C ASP B 211 -19.95 28.66 10.32
N ARG B 212 -20.63 27.60 10.72
CA ARG B 212 -20.21 26.80 11.86
C ARG B 212 -18.74 26.37 11.68
N PHE B 213 -18.36 25.98 10.47
CA PHE B 213 -16.99 25.56 10.20
C PHE B 213 -15.94 26.65 10.38
N PHE B 214 -16.24 27.85 9.90
CA PHE B 214 -15.30 28.98 9.98
C PHE B 214 -15.17 29.59 11.37
N TYR B 215 -16.20 29.45 12.20
CA TYR B 215 -16.19 30.00 13.55
C TYR B 215 -16.08 28.97 14.67
N CYS B 216 -16.33 27.72 14.36
CA CYS B 216 -16.28 26.68 15.39
C CYS B 216 -15.33 25.53 15.09
N VAL B 217 -14.94 25.35 13.83
CA VAL B 217 -14.02 24.26 13.49
C VAL B 217 -12.62 24.75 13.15
N ARG B 218 -12.51 25.54 12.09
CA ARG B 218 -11.24 26.08 11.62
C ARG B 218 -10.33 26.75 12.66
N PRO B 219 -10.92 27.49 13.63
CA PRO B 219 -10.08 28.17 14.64
C PRO B 219 -9.24 27.26 15.54
N TYR B 220 -9.36 25.94 15.36
CA TYR B 220 -8.59 24.99 16.15
C TYR B 220 -7.31 24.56 15.41
N TYR B 221 -7.20 24.98 14.16
CA TYR B 221 -6.06 24.64 13.30
C TYR B 221 -5.12 25.84 13.16
N LYS B 222 -5.12 26.71 14.16
CA LYS B 222 -4.28 27.91 14.13
C LYS B 222 -2.83 27.61 14.54
N PRO B 223 -1.90 28.50 14.16
CA PRO B 223 -0.48 28.33 14.49
C PRO B 223 -0.22 28.75 15.93
N TYR B 224 0.64 28.03 16.63
CA TYR B 224 0.97 28.39 18.00
C TYR B 224 2.42 28.03 18.35
N ARG B 225 2.95 28.63 19.42
CA ARG B 225 4.32 28.35 19.80
C ARG B 225 4.50 27.07 20.60
N VAL B 226 5.56 26.34 20.29
CA VAL B 226 5.92 25.13 21.03
C VAL B 226 7.36 25.49 21.41
N GLY B 227 7.56 25.79 22.67
CA GLY B 227 8.86 26.24 23.09
C GLY B 227 8.84 27.67 22.58
N SER B 228 9.89 28.08 21.89
CA SER B 228 9.97 29.43 21.36
C SER B 228 9.62 29.47 19.88
N VAL B 229 9.61 28.31 19.23
CA VAL B 229 9.31 28.24 17.81
C VAL B 229 7.82 28.14 17.50
N VAL B 230 7.42 28.84 16.43
CA VAL B 230 6.04 28.85 15.98
C VAL B 230 5.88 27.77 14.91
N TYR B 231 4.88 26.93 15.11
CA TYR B 231 4.58 25.83 14.20
C TYR B 231 3.18 26.03 13.62
N ARG B 232 3.09 26.06 12.30
CA ARG B 232 1.80 26.26 11.64
C ARG B 232 0.80 25.12 11.91
N GLY B 233 -0.46 25.35 11.57
CA GLY B 233 -1.50 24.36 11.79
C GLY B 233 -1.51 23.29 10.72
N ALA B 234 -2.07 22.13 11.05
CA ALA B 234 -2.17 21.00 10.13
C ALA B 234 -3.08 21.33 8.95
N ASN B 235 -2.87 20.63 7.83
CA ASN B 235 -3.66 20.79 6.60
C ASN B 235 -4.08 19.42 6.17
N ALA B 236 -5.28 19.31 5.60
CA ALA B 236 -5.74 18.02 5.14
C ALA B 236 -4.79 17.47 4.07
N GLY B 237 -3.87 18.31 3.61
CA GLY B 237 -2.91 17.92 2.59
C GLY B 237 -1.56 17.49 3.13
N ASP B 238 -1.49 17.26 4.44
CA ASP B 238 -0.27 16.81 5.06
C ASP B 238 -0.13 15.29 5.04
N PHE B 239 0.24 14.75 3.88
CA PHE B 239 0.48 13.32 3.69
C PHE B 239 1.16 13.13 2.34
N ALA B 240 1.93 12.06 2.19
CA ALA B 240 2.67 11.80 0.96
C ALA B 240 1.82 11.68 -0.29
N GLY B 241 0.76 10.86 -0.18
CA GLY B 241 -0.14 10.63 -1.30
C GLY B 241 -0.28 11.70 -2.38
N ILE B 242 -0.83 12.86 -2.01
CA ILE B 242 -1.03 13.95 -2.94
C ILE B 242 0.23 14.40 -3.68
N ASN B 243 1.34 14.50 -2.96
CA ASN B 243 2.58 14.93 -3.58
C ASN B 243 3.22 13.76 -4.34
N VAL B 244 2.89 12.53 -3.95
CA VAL B 244 3.43 11.38 -4.66
C VAL B 244 2.83 11.35 -6.07
N ILE B 245 1.57 11.75 -6.17
CA ILE B 245 0.87 11.79 -7.44
C ILE B 245 1.45 12.91 -8.31
N ASP B 246 1.69 14.08 -7.70
CA ASP B 246 2.27 15.22 -8.41
C ASP B 246 3.57 14.80 -9.11
N LEU B 247 4.51 14.23 -8.34
CA LEU B 247 5.81 13.81 -8.88
C LEU B 247 5.73 12.63 -9.84
N THR B 248 4.99 11.59 -9.48
CA THR B 248 4.90 10.42 -10.35
C THR B 248 4.25 10.73 -11.70
N LEU B 249 3.27 11.61 -11.71
CA LEU B 249 2.61 12.00 -12.95
C LEU B 249 3.46 13.03 -13.66
N GLY B 250 4.49 13.52 -12.98
CA GLY B 250 5.34 14.53 -13.57
C GLY B 250 4.72 15.92 -13.64
N LEU B 251 3.56 16.11 -13.02
CA LEU B 251 2.91 17.43 -13.04
C LEU B 251 3.68 18.50 -12.27
N CYS B 252 4.50 18.09 -11.31
CA CYS B 252 5.29 19.04 -10.54
C CYS B 252 6.77 18.68 -10.66
N PHE B 253 7.62 19.61 -10.27
CA PHE B 253 9.05 19.40 -10.38
C PHE B 253 9.83 19.65 -9.11
N ALA B 254 10.55 18.61 -8.67
CA ALA B 254 11.34 18.68 -7.45
C ALA B 254 12.54 19.60 -7.61
N ASN B 255 12.98 19.83 -8.85
CA ASN B 255 14.12 20.69 -9.13
C ASN B 255 13.79 22.18 -8.99
N GLU B 256 12.55 22.48 -8.64
CA GLU B 256 12.16 23.88 -8.47
C GLU B 256 12.05 24.22 -6.99
N ALA B 257 12.79 25.24 -6.59
CA ALA B 257 12.80 25.70 -5.21
C ALA B 257 11.41 25.79 -4.60
N SER B 258 10.47 26.42 -5.32
CA SER B 258 9.12 26.59 -4.82
C SER B 258 8.48 25.29 -4.32
N TYR B 259 8.64 24.22 -5.11
CA TYR B 259 8.04 22.95 -4.77
C TYR B 259 8.83 22.17 -3.70
N SER B 260 10.13 22.08 -3.85
CA SER B 260 10.89 21.34 -2.85
C SER B 260 10.76 21.99 -1.46
N GLN B 261 10.67 23.32 -1.42
CA GLN B 261 10.51 24.04 -0.16
C GLN B 261 9.20 23.65 0.52
N MET B 262 8.16 23.50 -0.30
CA MET B 262 6.84 23.12 0.18
C MET B 262 6.89 21.73 0.78
N LEU B 263 7.69 20.86 0.17
CA LEU B 263 7.80 19.50 0.66
C LEU B 263 8.51 19.52 2.01
N VAL B 264 9.57 20.32 2.10
CA VAL B 264 10.33 20.44 3.33
C VAL B 264 9.48 20.95 4.50
N ASP B 265 8.58 21.88 4.21
CA ASP B 265 7.69 22.46 5.23
C ASP B 265 6.54 21.56 5.61
N LYS B 266 6.53 20.33 5.11
CA LYS B 266 5.44 19.43 5.46
C LYS B 266 5.90 18.04 5.85
N PHE B 267 7.16 17.72 5.57
CA PHE B 267 7.68 16.40 5.94
C PHE B 267 7.36 16.01 7.39
N LEU B 268 7.71 16.87 8.34
CA LEU B 268 7.47 16.58 9.74
C LEU B 268 5.98 16.53 10.12
N TYR B 269 5.12 16.97 9.19
CA TYR B 269 3.67 16.97 9.42
C TYR B 269 2.96 15.71 8.93
N MET B 270 3.73 14.71 8.51
CA MET B 270 3.19 13.44 8.05
C MET B 270 3.98 12.32 8.72
N MET B 271 3.50 11.09 8.58
CA MET B 271 4.16 9.95 9.19
C MET B 271 5.53 9.69 8.59
N PRO B 272 6.49 9.23 9.42
CA PRO B 272 7.85 8.92 8.97
C PRO B 272 7.86 8.07 7.70
N GLU B 273 6.94 7.12 7.64
CA GLU B 273 6.85 6.25 6.48
C GLU B 273 6.44 7.03 5.24
N ASP B 274 5.61 8.05 5.42
CA ASP B 274 5.17 8.88 4.30
C ASP B 274 6.28 9.79 3.85
N GLN B 275 7.14 10.17 4.80
CA GLN B 275 8.27 11.02 4.49
C GLN B 275 9.23 10.25 3.61
N GLN B 276 9.52 9.01 4.00
CA GLN B 276 10.44 8.14 3.28
C GLN B 276 9.99 7.98 1.84
N ILE B 277 8.71 7.65 1.66
CA ILE B 277 8.14 7.47 0.33
C ILE B 277 8.21 8.75 -0.51
N LEU B 278 7.85 9.88 0.09
CA LEU B 278 7.88 11.16 -0.61
C LEU B 278 9.29 11.49 -1.07
N ARG B 279 10.23 11.54 -0.13
CA ARG B 279 11.61 11.86 -0.50
C ARG B 279 12.06 10.99 -1.68
N GLU B 280 11.77 9.70 -1.62
CA GLU B 280 12.17 8.80 -2.69
C GLU B 280 11.60 9.20 -4.06
N CYS B 281 10.36 9.68 -4.09
CA CYS B 281 9.77 10.10 -5.35
C CYS B 281 10.55 11.26 -5.96
N MET B 282 11.26 12.00 -5.13
CA MET B 282 12.06 13.14 -5.59
C MET B 282 13.31 12.72 -6.34
N ARG B 283 13.60 11.43 -6.40
CA ARG B 283 14.77 11.02 -7.14
C ARG B 283 14.47 9.89 -8.09
N ARG B 284 13.19 9.78 -8.45
CA ARG B 284 12.70 8.74 -9.34
C ARG B 284 12.11 9.36 -10.62
N PRO B 285 12.01 8.56 -11.69
CA PRO B 285 11.44 9.11 -12.92
C PRO B 285 9.94 9.31 -12.77
N ASN B 286 9.32 9.92 -13.77
CA ASN B 286 7.87 10.15 -13.76
C ASN B 286 7.28 9.61 -15.07
N LEU B 287 5.96 9.41 -15.09
CA LEU B 287 5.29 8.87 -16.27
C LEU B 287 5.20 9.84 -17.44
N MET B 288 5.04 11.13 -17.15
CA MET B 288 4.95 12.14 -18.19
C MET B 288 6.15 12.05 -19.13
N ASP B 289 7.35 12.22 -18.57
CA ASP B 289 8.55 12.16 -19.35
C ASP B 289 8.73 10.80 -20.04
N ASP B 290 8.24 9.73 -19.42
CA ASP B 290 8.35 8.40 -20.01
C ASP B 290 7.58 8.37 -21.32
N PHE B 291 6.32 8.80 -21.27
CA PHE B 291 5.50 8.83 -22.48
C PHE B 291 6.11 9.73 -23.56
N LEU B 292 6.64 10.87 -23.15
CA LEU B 292 7.26 11.80 -24.08
C LEU B 292 8.46 11.18 -24.80
N GLN B 293 9.21 10.35 -24.07
CA GLN B 293 10.40 9.70 -24.61
C GLN B 293 10.06 8.51 -25.50
N ALA B 294 8.81 8.06 -25.45
CA ALA B 294 8.36 6.93 -26.25
C ALA B 294 7.61 7.42 -27.49
N LYS B 295 8.20 8.40 -28.19
CA LYS B 295 7.60 8.98 -29.40
C LYS B 295 7.65 7.99 -30.57
N GLY B 296 8.70 7.18 -30.63
CA GLY B 296 8.82 6.20 -31.70
C GLY B 296 8.01 4.96 -31.45
N CYS B 297 7.01 5.06 -30.58
CA CYS B 297 6.15 3.93 -30.24
C CYS B 297 4.71 4.37 -30.39
N ILE B 298 4.52 5.53 -31.01
CA ILE B 298 3.19 6.09 -31.21
C ILE B 298 2.16 5.14 -31.81
N HIS B 299 2.59 4.27 -32.72
CA HIS B 299 1.65 3.34 -33.34
C HIS B 299 1.57 1.99 -32.64
N GLN B 300 1.82 2.00 -31.34
CA GLN B 300 1.76 0.79 -30.53
C GLN B 300 0.42 0.71 -29.84
N ASP B 301 -0.09 -0.51 -29.67
CA ASP B 301 -1.37 -0.68 -29.01
C ASP B 301 -1.33 -0.17 -27.58
N TRP B 302 -0.30 -0.58 -26.83
CA TRP B 302 -0.15 -0.16 -25.45
C TRP B 302 -0.02 1.36 -25.34
N TYR B 303 0.56 1.98 -26.35
CA TYR B 303 0.75 3.42 -26.32
C TYR B 303 -0.58 4.15 -26.34
N GLN B 304 -1.47 3.72 -27.23
CA GLN B 304 -2.77 4.35 -27.37
C GLN B 304 -3.67 4.16 -26.14
N GLU B 305 -3.80 2.91 -25.70
CA GLU B 305 -4.64 2.55 -24.55
C GLU B 305 -4.17 3.21 -23.25
N ASN B 306 -2.97 2.85 -22.81
CA ASN B 306 -2.37 3.39 -21.58
C ASN B 306 -2.31 4.93 -21.52
N LEU B 307 -1.89 5.56 -22.61
CA LEU B 307 -1.78 7.02 -22.66
C LEU B 307 -3.12 7.71 -22.41
N LYS B 308 -4.17 7.16 -23.03
CA LYS B 308 -5.50 7.72 -22.89
C LYS B 308 -5.90 7.80 -21.44
N LEU B 309 -5.74 6.68 -20.74
CA LEU B 309 -6.10 6.61 -19.33
C LEU B 309 -5.17 7.51 -18.52
N PHE B 310 -3.91 7.54 -18.92
CA PHE B 310 -2.91 8.37 -18.25
C PHE B 310 -3.36 9.84 -18.29
N ILE B 311 -3.80 10.30 -19.47
CA ILE B 311 -4.28 11.67 -19.63
C ILE B 311 -5.56 11.86 -18.83
N GLU B 312 -6.41 10.84 -18.76
CA GLU B 312 -7.63 10.99 -17.97
C GLU B 312 -7.27 11.11 -16.50
N VAL B 313 -6.16 10.51 -16.10
CA VAL B 313 -5.76 10.58 -14.71
C VAL B 313 -5.25 11.98 -14.39
N CYS B 314 -4.43 12.52 -15.28
CA CYS B 314 -3.91 13.86 -15.07
C CYS B 314 -5.01 14.90 -15.03
N GLU B 315 -6.05 14.71 -15.83
CA GLU B 315 -7.16 15.64 -15.89
C GLU B 315 -8.03 15.56 -14.64
N LEU B 316 -8.17 14.36 -14.07
CA LEU B 316 -8.98 14.19 -12.87
C LEU B 316 -8.28 14.84 -11.69
N HIS B 317 -6.96 14.71 -11.65
CA HIS B 317 -6.15 15.28 -10.59
C HIS B 317 -6.17 16.79 -10.71
N GLY B 318 -5.79 17.30 -11.89
CA GLY B 318 -5.77 18.73 -12.08
C GLY B 318 -7.11 19.38 -11.81
N GLN B 319 -8.17 18.68 -12.20
CA GLN B 319 -9.51 19.19 -12.03
C GLN B 319 -9.94 19.09 -10.57
N THR B 320 -9.52 18.02 -9.91
CA THR B 320 -9.89 17.86 -8.51
C THR B 320 -9.12 18.91 -7.70
N ALA B 321 -8.18 19.58 -8.36
CA ALA B 321 -7.37 20.61 -7.70
C ALA B 321 -8.11 21.93 -7.70
N ILE B 322 -8.74 22.26 -8.81
CA ILE B 322 -9.48 23.50 -8.92
C ILE B 322 -10.61 23.51 -7.90
N GLN B 323 -11.33 22.38 -7.82
CA GLN B 323 -12.43 22.24 -6.88
C GLN B 323 -11.99 22.63 -5.47
N HIS B 324 -10.90 22.02 -5.00
CA HIS B 324 -10.36 22.31 -3.67
C HIS B 324 -9.88 23.74 -3.58
N HIS B 325 -9.21 24.20 -4.63
CA HIS B 325 -8.68 25.55 -4.67
C HIS B 325 -9.79 26.59 -4.53
N ASN B 326 -10.93 26.34 -5.15
CA ASN B 326 -12.06 27.27 -5.10
C ASN B 326 -13.02 26.94 -3.97
N GLU B 327 -12.55 26.19 -2.97
CA GLU B 327 -13.43 25.84 -1.86
C GLU B 327 -12.88 26.26 -0.50
N LEU B 328 -11.92 25.51 0.02
CA LEU B 328 -11.32 25.82 1.33
C LEU B 328 -10.39 27.03 1.23
N VAL B 329 -10.09 27.44 0.00
CA VAL B 329 -9.22 28.58 -0.23
C VAL B 329 -9.99 29.82 -0.69
N THR B 330 -11.00 29.60 -1.54
CA THR B 330 -11.82 30.70 -2.04
C THR B 330 -12.83 31.17 -1.01
N LYS B 331 -13.74 30.29 -0.60
CA LYS B 331 -14.76 30.62 0.40
C LYS B 331 -14.18 31.07 1.74
N TYR B 332 -13.00 30.54 2.09
CA TYR B 332 -12.35 30.86 3.35
C TYR B 332 -10.96 31.47 3.15
N VAL B 357 -0.67 37.01 0.79
CA VAL B 357 0.68 36.65 1.21
C VAL B 357 1.25 35.61 0.24
N LEU B 358 1.02 34.35 0.58
CA LEU B 358 1.48 33.23 -0.23
C LEU B 358 0.36 32.68 -1.11
N LEU B 359 -0.63 33.52 -1.38
CA LEU B 359 -1.77 33.14 -2.21
C LEU B 359 -1.29 32.72 -3.59
N ALA B 360 -0.25 33.37 -4.09
CA ALA B 360 0.30 33.06 -5.40
C ALA B 360 0.89 31.65 -5.41
N SER B 361 1.63 31.33 -4.36
CA SER B 361 2.26 30.02 -4.24
C SER B 361 1.22 28.90 -4.26
N LEU B 362 -0.02 29.26 -3.95
CA LEU B 362 -1.12 28.32 -3.92
C LEU B 362 -1.73 28.23 -5.31
N GLU B 363 -1.55 29.28 -6.09
CA GLU B 363 -2.07 29.33 -7.44
C GLU B 363 -1.18 28.54 -8.37
N ARG B 364 0.12 28.67 -8.18
CA ARG B 364 1.09 27.95 -9.00
C ARG B 364 0.97 26.45 -8.77
N LEU B 365 0.74 26.07 -7.51
CA LEU B 365 0.60 24.67 -7.17
C LEU B 365 -0.64 24.13 -7.89
N ARG B 366 -1.75 24.85 -7.78
CA ARG B 366 -2.98 24.43 -8.43
C ARG B 366 -2.83 24.47 -9.95
N ASP B 367 -1.96 25.33 -10.44
CA ASP B 367 -1.74 25.43 -11.88
C ASP B 367 -0.84 24.33 -12.44
N ARG B 368 0.11 23.85 -11.63
CA ARG B 368 1.00 22.80 -12.11
C ARG B 368 0.22 21.50 -12.19
N ARG B 369 -0.62 21.27 -11.19
CA ARG B 369 -1.44 20.06 -11.12
C ARG B 369 -2.44 19.99 -12.28
N ALA B 370 -3.04 21.13 -12.58
CA ALA B 370 -4.03 21.24 -13.65
C ALA B 370 -3.32 21.38 -15.00
N ALA B 371 -2.02 21.65 -14.94
CA ALA B 371 -1.22 21.79 -16.15
C ALA B 371 -1.73 22.92 -17.04
N VAL B 372 -2.05 24.05 -16.42
CA VAL B 372 -2.56 25.21 -17.17
C VAL B 372 -1.42 25.94 -17.87
N LEU B 373 -1.78 26.85 -18.76
CA LEU B 373 -0.79 27.62 -19.50
C LEU B 373 -0.36 28.85 -18.71
N ARG B 374 0.94 28.97 -18.47
CA ARG B 374 1.49 30.11 -17.75
C ARG B 374 2.88 30.45 -18.28
N ASP B 375 3.33 31.68 -18.01
CA ASP B 375 4.65 32.13 -18.48
C ASP B 375 5.58 32.40 -17.32
N ASP B 376 5.02 32.52 -16.12
CA ASP B 376 5.79 32.79 -14.92
C ASP B 376 6.38 31.52 -14.31
N ILE B 377 5.72 30.38 -14.53
CA ILE B 377 6.20 29.11 -14.01
C ILE B 377 6.14 28.02 -15.07
N ARG B 378 6.94 26.96 -14.88
CA ARG B 378 6.97 25.85 -15.81
C ARG B 378 5.77 24.94 -15.57
N THR B 379 5.12 24.53 -16.65
CA THR B 379 3.96 23.67 -16.55
C THR B 379 3.99 22.61 -17.64
N ARG B 380 3.12 21.61 -17.52
CA ARG B 380 3.06 20.54 -18.51
C ARG B 380 1.99 20.77 -19.57
N TYR B 381 1.43 21.98 -19.61
CA TYR B 381 0.37 22.31 -20.57
C TYR B 381 0.70 21.88 -22.00
N TYR B 382 1.87 22.27 -22.48
CA TYR B 382 2.28 21.92 -23.84
C TYR B 382 2.56 20.43 -23.99
N ASP B 383 3.31 19.87 -23.04
CA ASP B 383 3.65 18.46 -23.05
C ASP B 383 2.39 17.61 -23.04
N LEU B 384 1.42 18.00 -22.24
CA LEU B 384 0.16 17.28 -22.13
C LEU B 384 -0.65 17.43 -23.41
N LYS B 385 -0.56 18.60 -24.04
CA LYS B 385 -1.28 18.85 -25.28
C LYS B 385 -0.66 18.01 -26.39
N LYS B 386 0.66 17.93 -26.39
CA LYS B 386 1.37 17.13 -27.40
C LYS B 386 0.93 15.68 -27.29
N LEU B 387 0.81 15.20 -26.05
CA LEU B 387 0.40 13.82 -25.80
C LEU B 387 -1.07 13.61 -26.12
N LYS B 388 -1.91 14.61 -25.88
CA LYS B 388 -3.33 14.46 -26.18
C LYS B 388 -3.51 14.38 -27.69
N ASP B 389 -2.77 15.22 -28.41
CA ASP B 389 -2.84 15.25 -29.86
C ASP B 389 -2.08 14.07 -30.46
N SER B 390 -1.38 13.34 -29.60
CA SER B 390 -0.63 12.17 -30.03
C SER B 390 -1.61 11.01 -30.18
N LEU B 391 -2.75 11.10 -29.49
CA LEU B 391 -3.78 10.07 -29.57
C LEU B 391 -4.60 10.34 -30.82
N ARG B 392 -4.56 11.59 -31.26
CA ARG B 392 -5.29 12.06 -32.42
C ARG B 392 -5.01 11.22 -33.66
N LEU B 393 -3.73 11.03 -33.98
CA LEU B 393 -3.35 10.25 -35.16
C LEU B 393 -3.97 8.84 -35.22
N GLU B 394 -4.57 8.41 -34.11
CA GLU B 394 -5.19 7.09 -34.03
C GLU B 394 -6.71 7.20 -33.76
#